data_4D7L
#
_entry.id   4D7L
#
_cell.length_a   86.395
_cell.length_b   140.175
_cell.length_c   140.551
_cell.angle_alpha   90.00
_cell.angle_beta   90.00
_cell.angle_gamma   90.00
#
_symmetry.space_group_name_H-M   'C 2 2 21'
#
loop_
_entity.id
_entity.type
_entity.pdbx_description
1 polymer 'PEPTIDE METHIONINE SULFOXIDE REDUCTASE MSRA'
2 non-polymer 'CACODYLATE ION'
3 non-polymer 'SULFATE ION'
4 non-polymer 'TRIETHYLENE GLYCOL'
5 water water
#
_entity_poly.entity_id   1
_entity_poly.type   'polypeptide(L)'
_entity_poly.pdbx_seq_one_letter_code
;MGSSHHHHHHSSGLVPRGSHMGWLFGAPRLVEEKDALKGGPHPVLPNPQPHAVLGTLRGQPGTETIYIGIGCYWGAEKLF
WETPGVVYTSVGFAGGITPNPTYRETCTGRTNHTEIVEVVYDPTQVTFDELVVKAMEAHDPTQGYRQGNDTGTQYRSAIY
TAGPNAEQQAQRAREIVEHYAPKLAAAGLGRITTEILPLASTPAGEYYMAEDEHQQYLHKNPLGYCPHHSTGVACGIPEA
;
_entity_poly.pdbx_strand_id   A,B,C
#
loop_
_chem_comp.id
_chem_comp.type
_chem_comp.name
_chem_comp.formula
CAC non-polymer 'CACODYLATE ION' 'C2 H6 As O2 -1'
PGE non-polymer 'TRIETHYLENE GLYCOL' 'C6 H14 O4'
SO4 non-polymer 'SULFATE ION' 'O4 S -2'
#
# COMPACT_ATOMS: atom_id res chain seq x y z
N ALA A 27 18.66 -19.29 -11.95
CA ALA A 27 19.56 -19.54 -13.06
C ALA A 27 19.05 -18.91 -14.38
N PRO A 28 17.73 -18.97 -14.65
CA PRO A 28 17.24 -18.04 -15.66
C PRO A 28 17.45 -16.61 -15.19
N ARG A 29 17.55 -15.67 -16.12
CA ARG A 29 17.67 -14.26 -15.76
C ARG A 29 16.93 -13.42 -16.77
N LEU A 30 16.42 -12.26 -16.33
CA LEU A 30 15.84 -11.26 -17.22
C LEU A 30 16.94 -10.71 -18.13
N VAL A 31 16.61 -10.33 -19.34
CA VAL A 31 17.63 -9.69 -20.18
C VAL A 31 17.63 -8.17 -19.94
N GLU A 32 18.74 -7.49 -20.24
CA GLU A 32 18.71 -6.03 -20.24
C GLU A 32 17.74 -5.53 -21.31
N GLU A 33 17.00 -4.47 -21.04
CA GLU A 33 15.98 -4.02 -21.98
C GLU A 33 16.62 -3.65 -23.31
N LYS A 34 17.86 -3.17 -23.27
CA LYS A 34 18.54 -2.84 -24.52
C LYS A 34 18.84 -4.09 -25.36
N ASP A 35 18.87 -5.26 -24.71
CA ASP A 35 19.14 -6.52 -25.40
C ASP A 35 17.87 -7.31 -25.73
N ALA A 36 16.71 -6.80 -25.33
CA ALA A 36 15.47 -7.55 -25.50
C ALA A 36 15.03 -7.58 -26.96
N LEU A 37 14.20 -8.56 -27.32
CA LEU A 37 13.67 -8.63 -28.70
C LEU A 37 12.88 -7.37 -29.03
N LYS A 38 12.95 -6.93 -30.28
CA LYS A 38 12.31 -5.67 -30.66
C LYS A 38 10.79 -5.80 -30.81
N GLY A 39 10.32 -7.00 -31.11
CA GLY A 39 8.89 -7.22 -31.28
C GLY A 39 8.32 -6.49 -32.49
N GLY A 40 7.11 -5.96 -32.38
CA GLY A 40 6.55 -5.27 -33.54
C GLY A 40 5.48 -4.31 -33.11
N PRO A 41 5.03 -3.46 -34.04
CA PRO A 41 4.12 -2.39 -33.64
C PRO A 41 2.65 -2.79 -33.64
N HIS A 42 2.30 -3.87 -34.32
CA HIS A 42 0.88 -4.27 -34.47
C HIS A 42 0.54 -5.52 -33.66
N PRO A 43 -0.71 -5.63 -33.18
CA PRO A 43 -1.11 -6.78 -32.37
C PRO A 43 -0.97 -8.09 -33.12
N VAL A 44 -0.58 -9.12 -32.39
CA VAL A 44 -0.47 -10.43 -32.99
C VAL A 44 -1.85 -11.01 -33.26
N LEU A 45 -2.80 -10.67 -32.40
CA LEU A 45 -4.19 -11.11 -32.56
C LEU A 45 -5.09 -9.87 -32.54
N PRO A 46 -5.20 -9.17 -33.68
CA PRO A 46 -5.93 -7.89 -33.63
C PRO A 46 -7.44 -8.07 -33.44
N ASN A 47 -7.98 -9.20 -33.86
CA ASN A 47 -9.42 -9.43 -33.79
C ASN A 47 -9.77 -10.76 -33.11
N PRO A 48 -9.65 -10.81 -31.78
CA PRO A 48 -9.92 -12.02 -31.01
C PRO A 48 -11.37 -12.49 -31.20
N GLN A 49 -11.59 -13.79 -31.19
CA GLN A 49 -12.93 -14.33 -31.32
C GLN A 49 -13.54 -14.43 -29.93
N PRO A 50 -14.87 -14.48 -29.85
CA PRO A 50 -15.54 -14.66 -28.56
C PRO A 50 -15.01 -15.88 -27.82
N HIS A 51 -14.92 -15.76 -26.51
CA HIS A 51 -14.42 -16.81 -25.61
C HIS A 51 -15.11 -18.15 -25.95
N ALA A 52 -14.32 -19.20 -26.12
CA ALA A 52 -14.83 -20.50 -26.57
C ALA A 52 -15.81 -21.13 -25.58
N VAL A 53 -15.70 -20.74 -24.30
CA VAL A 53 -16.64 -21.30 -23.30
C VAL A 53 -17.68 -20.26 -22.86
N LEU A 54 -17.20 -19.06 -22.60
CA LEU A 54 -18.04 -18.02 -22.01
C LEU A 54 -18.80 -17.20 -23.07
N GLY A 55 -18.31 -17.23 -24.30
CA GLY A 55 -19.00 -16.58 -25.42
C GLY A 55 -18.85 -15.06 -25.43
N THR A 56 -17.91 -14.55 -24.64
CA THR A 56 -17.79 -13.10 -24.44
C THR A 56 -16.56 -12.49 -25.08
N LEU A 57 -16.52 -11.16 -25.15
CA LEU A 57 -15.26 -10.42 -25.42
C LEU A 57 -15.01 -9.45 -24.28
N ARG A 58 -13.84 -8.81 -24.21
CA ARG A 58 -13.58 -7.91 -23.07
C ARG A 58 -14.43 -6.65 -23.21
N GLY A 59 -14.54 -5.89 -22.12
CA GLY A 59 -15.17 -4.58 -22.20
C GLY A 59 -16.62 -4.44 -21.82
N GLN A 60 -17.12 -5.34 -20.98
CA GLN A 60 -18.50 -5.27 -20.53
C GLN A 60 -18.54 -4.23 -19.44
N PRO A 61 -19.50 -3.29 -19.54
CA PRO A 61 -19.66 -2.23 -18.54
C PRO A 61 -19.83 -2.85 -17.17
N GLY A 62 -19.27 -2.24 -16.14
CA GLY A 62 -19.45 -2.77 -14.80
C GLY A 62 -18.45 -3.84 -14.38
N THR A 63 -17.60 -4.30 -15.29
CA THR A 63 -16.60 -5.28 -14.92
C THR A 63 -15.27 -4.66 -14.46
N GLU A 64 -14.44 -5.47 -13.80
CA GLU A 64 -13.08 -5.09 -13.45
C GLU A 64 -12.14 -6.11 -14.09
N THR A 65 -10.86 -5.77 -14.17
CA THR A 65 -9.85 -6.67 -14.74
C THR A 65 -8.67 -6.84 -13.79
N ILE A 66 -8.22 -8.09 -13.65
CA ILE A 66 -6.95 -8.38 -12.99
C ILE A 66 -6.11 -9.30 -13.88
N TYR A 67 -4.80 -9.12 -13.85
CA TYR A 67 -3.88 -9.90 -14.68
C TYR A 67 -3.08 -10.84 -13.80
N ILE A 68 -3.15 -12.13 -14.09
CA ILE A 68 -2.60 -13.14 -13.19
C ILE A 68 -1.55 -13.99 -13.86
N GLY A 69 -0.39 -14.12 -13.22
CA GLY A 69 0.63 -15.03 -13.70
C GLY A 69 0.93 -16.11 -12.67
N ILE A 70 0.62 -17.36 -13.00
CA ILE A 70 0.89 -18.44 -12.05
C ILE A 70 1.53 -19.63 -12.74
N GLY A 71 2.19 -19.38 -13.87
CA GLY A 71 2.83 -20.46 -14.61
C GLY A 71 2.12 -20.71 -15.93
N CYS A 72 2.18 -21.95 -16.42
CA CYS A 72 1.58 -22.30 -17.72
CA CYS A 72 1.57 -22.32 -17.71
C CYS A 72 0.19 -21.70 -17.87
N TYR A 73 0.05 -20.73 -18.78
CA TYR A 73 -1.26 -20.06 -18.82
C TYR A 73 -2.44 -20.90 -19.34
N TRP A 74 -2.20 -22.04 -20.00
CA TRP A 74 -3.32 -22.84 -20.46
C TRP A 74 -4.15 -23.33 -19.27
N GLY A 75 -3.47 -23.89 -18.29
CA GLY A 75 -4.15 -24.42 -17.11
C GLY A 75 -4.71 -23.27 -16.28
N ALA A 76 -3.95 -22.19 -16.21
CA ALA A 76 -4.38 -21.04 -15.45
C ALA A 76 -5.63 -20.42 -16.06
N GLU A 77 -5.71 -20.36 -17.39
CA GLU A 77 -6.89 -19.73 -17.99
C GLU A 77 -8.16 -20.53 -17.68
N LYS A 78 -8.03 -21.85 -17.76
CA LYS A 78 -9.18 -22.74 -17.48
C LYS A 78 -9.65 -22.56 -16.04
N LEU A 79 -8.70 -22.49 -15.11
CA LEU A 79 -9.02 -22.26 -13.70
C LEU A 79 -9.89 -21.03 -13.52
N PHE A 80 -9.52 -19.95 -14.21
CA PHE A 80 -10.28 -18.73 -14.02
C PHE A 80 -11.57 -18.65 -14.83
N TRP A 81 -11.63 -19.17 -16.06
CA TRP A 81 -12.91 -19.05 -16.78
C TRP A 81 -13.96 -19.92 -16.12
N GLU A 82 -13.53 -20.92 -15.36
CA GLU A 82 -14.48 -21.76 -14.62
C GLU A 82 -14.86 -21.20 -13.25
N THR A 83 -14.32 -20.04 -12.91
CA THR A 83 -14.65 -19.43 -11.63
C THR A 83 -15.91 -18.60 -11.67
N PRO A 84 -16.89 -18.86 -10.77
CA PRO A 84 -18.09 -18.03 -10.77
C PRO A 84 -17.75 -16.54 -10.60
N GLY A 85 -18.36 -15.72 -11.46
CA GLY A 85 -18.18 -14.27 -11.45
C GLY A 85 -17.20 -13.77 -12.50
N VAL A 86 -16.38 -14.67 -13.05
CA VAL A 86 -15.43 -14.30 -14.12
C VAL A 86 -16.22 -14.31 -15.42
N VAL A 87 -16.17 -13.23 -16.17
CA VAL A 87 -17.06 -13.13 -17.33
C VAL A 87 -16.34 -13.21 -18.68
N TYR A 88 -15.01 -13.03 -18.65
CA TYR A 88 -14.16 -13.16 -19.84
C TYR A 88 -12.74 -13.46 -19.39
N THR A 89 -12.02 -14.27 -20.16
CA THR A 89 -10.58 -14.42 -19.95
C THR A 89 -9.84 -14.42 -21.29
N SER A 90 -8.54 -14.13 -21.25
CA SER A 90 -7.66 -14.40 -22.40
C SER A 90 -6.28 -14.71 -21.87
N VAL A 91 -5.39 -15.20 -22.73
CA VAL A 91 -4.01 -15.42 -22.34
C VAL A 91 -3.07 -14.62 -23.21
N GLY A 92 -1.93 -14.31 -22.63
CA GLY A 92 -0.99 -13.47 -23.34
C GLY A 92 0.19 -13.15 -22.44
N PHE A 93 0.74 -11.97 -22.66
CA PHE A 93 2.07 -11.63 -22.14
C PHE A 93 2.10 -10.23 -21.55
N ALA A 94 2.69 -10.12 -20.37
CA ALA A 94 2.87 -8.81 -19.74
C ALA A 94 3.99 -8.88 -18.71
N GLY A 95 4.52 -7.71 -18.36
CA GLY A 95 5.51 -7.65 -17.29
C GLY A 95 6.91 -7.45 -17.81
N GLY A 96 7.07 -7.65 -19.12
CA GLY A 96 8.34 -7.50 -19.81
C GLY A 96 8.37 -6.21 -20.63
N ILE A 97 9.15 -6.20 -21.71
CA ILE A 97 9.36 -4.97 -22.46
C ILE A 97 9.01 -5.09 -23.96
N THR A 98 9.20 -6.27 -24.56
CA THR A 98 8.99 -6.43 -26.01
C THR A 98 7.54 -6.13 -26.40
N PRO A 99 7.32 -5.20 -27.34
CA PRO A 99 5.93 -4.94 -27.76
C PRO A 99 5.38 -6.04 -28.70
N ASN A 100 4.13 -6.43 -28.49
CA ASN A 100 3.47 -7.45 -29.31
C ASN A 100 4.33 -8.65 -29.67
N PRO A 101 4.83 -9.37 -28.66
CA PRO A 101 5.64 -10.56 -28.93
C PRO A 101 4.79 -11.72 -29.45
N THR A 102 5.35 -12.56 -30.33
CA THR A 102 4.75 -13.85 -30.62
C THR A 102 5.04 -14.80 -29.47
N TYR A 103 4.30 -15.89 -29.41
CA TYR A 103 4.56 -16.91 -28.41
C TYR A 103 5.98 -17.43 -28.53
N ARG A 104 6.39 -17.69 -29.76
CA ARG A 104 7.73 -18.24 -29.96
C ARG A 104 8.76 -17.25 -29.41
N GLU A 105 8.55 -15.96 -29.65
CA GLU A 105 9.50 -14.99 -29.09
C GLU A 105 9.54 -15.03 -27.56
N THR A 106 8.37 -15.09 -26.93
N THR A 106 8.37 -15.07 -26.93
CA THR A 106 8.28 -15.09 -25.47
CA THR A 106 8.30 -15.07 -25.48
C THR A 106 8.99 -16.31 -24.88
C THR A 106 9.02 -16.29 -24.90
N CYS A 107 8.88 -17.44 -25.56
CA CYS A 107 9.50 -18.68 -25.07
C CYS A 107 11.02 -18.63 -25.10
N THR A 108 11.62 -17.69 -25.83
CA THR A 108 13.09 -17.54 -25.80
C THR A 108 13.62 -16.95 -24.49
N GLY A 109 12.73 -16.36 -23.71
CA GLY A 109 13.11 -15.65 -22.50
C GLY A 109 13.60 -14.23 -22.77
N ARG A 110 13.65 -13.82 -24.04
CA ARG A 110 14.28 -12.52 -24.36
C ARG A 110 13.30 -11.35 -24.49
N THR A 111 12.09 -11.52 -23.96
CA THR A 111 11.11 -10.44 -23.93
C THR A 111 10.89 -9.90 -22.53
N ASN A 112 11.32 -10.69 -21.53
CA ASN A 112 11.07 -10.46 -20.10
C ASN A 112 9.62 -10.56 -19.67
N HIS A 113 8.71 -10.89 -20.59
CA HIS A 113 7.31 -11.04 -20.19
C HIS A 113 7.04 -12.31 -19.39
N THR A 114 5.97 -12.32 -18.61
N THR A 114 5.90 -12.26 -18.71
CA THR A 114 5.55 -13.58 -18.02
CA THR A 114 5.31 -13.34 -17.94
C THR A 114 4.20 -13.96 -18.63
C THR A 114 4.17 -13.95 -18.76
N GLU A 115 3.88 -15.24 -18.58
CA GLU A 115 2.64 -15.78 -19.11
C GLU A 115 1.50 -15.36 -18.20
N ILE A 116 0.54 -14.63 -18.78
CA ILE A 116 -0.51 -13.95 -18.03
C ILE A 116 -1.89 -14.36 -18.49
N VAL A 117 -2.79 -14.52 -17.52
CA VAL A 117 -4.21 -14.62 -17.78
C VAL A 117 -4.87 -13.29 -17.47
N GLU A 118 -5.52 -12.72 -18.49
CA GLU A 118 -6.40 -11.57 -18.32
C GLU A 118 -7.71 -12.09 -17.75
N VAL A 119 -8.07 -11.65 -16.55
CA VAL A 119 -9.29 -12.09 -15.90
C VAL A 119 -10.26 -10.91 -15.76
N VAL A 120 -11.34 -10.96 -16.52
CA VAL A 120 -12.35 -9.93 -16.43
C VAL A 120 -13.50 -10.44 -15.58
N TYR A 121 -13.89 -9.70 -14.54
CA TYR A 121 -14.86 -10.26 -13.59
C TYR A 121 -15.92 -9.25 -13.19
N ASP A 122 -17.06 -9.79 -12.74
CA ASP A 122 -18.16 -9.02 -12.20
C ASP A 122 -17.93 -8.88 -10.70
N PRO A 123 -17.60 -7.67 -10.23
CA PRO A 123 -17.25 -7.48 -8.82
C PRO A 123 -18.43 -7.66 -7.88
N THR A 124 -19.64 -7.76 -8.41
CA THR A 124 -20.77 -8.05 -7.54
C THR A 124 -20.91 -9.55 -7.33
N GLN A 125 -20.13 -10.33 -8.07
CA GLN A 125 -20.21 -11.79 -7.95
C GLN A 125 -18.93 -12.42 -7.38
N VAL A 126 -17.79 -11.84 -7.69
CA VAL A 126 -16.51 -12.31 -7.15
C VAL A 126 -15.65 -11.07 -6.93
N THR A 127 -14.87 -11.04 -5.85
CA THR A 127 -14.11 -9.82 -5.55
C THR A 127 -12.65 -9.93 -6.00
N PHE A 128 -12.01 -8.76 -6.14
CA PHE A 128 -10.56 -8.68 -6.33
C PHE A 128 -9.81 -9.55 -5.34
N ASP A 129 -10.18 -9.41 -4.06
CA ASP A 129 -9.54 -10.16 -2.96
C ASP A 129 -9.66 -11.67 -3.19
N GLU A 130 -10.86 -12.13 -3.57
CA GLU A 130 -11.08 -13.55 -3.80
C GLU A 130 -10.25 -14.10 -4.95
N LEU A 131 -10.08 -13.29 -6.00
CA LEU A 131 -9.31 -13.74 -7.15
C LEU A 131 -7.81 -13.79 -6.81
N VAL A 132 -7.34 -12.85 -6.00
CA VAL A 132 -5.93 -12.93 -5.57
C VAL A 132 -5.70 -14.19 -4.74
N VAL A 133 -6.62 -14.48 -3.84
CA VAL A 133 -6.51 -15.67 -2.99
C VAL A 133 -6.53 -16.93 -3.86
N LYS A 134 -7.43 -16.95 -4.85
CA LYS A 134 -7.53 -18.11 -5.73
C LYS A 134 -6.22 -18.34 -6.48
N ALA A 135 -5.63 -17.27 -7.00
CA ALA A 135 -4.32 -17.37 -7.65
C ALA A 135 -3.25 -17.90 -6.70
N MET A 136 -3.17 -17.33 -5.50
N MET A 136 -3.19 -17.34 -5.49
CA MET A 136 -2.18 -17.73 -4.50
CA MET A 136 -2.18 -17.75 -4.52
C MET A 136 -2.29 -19.23 -4.19
C MET A 136 -2.37 -19.22 -4.10
N GLU A 137 -3.52 -19.71 -4.05
N GLU A 137 -3.61 -19.69 -4.05
CA GLU A 137 -3.74 -21.09 -3.64
CA GLU A 137 -3.86 -21.09 -3.66
C GLU A 137 -3.59 -22.08 -4.81
C GLU A 137 -3.54 -22.06 -4.79
N ALA A 138 -3.46 -21.53 -6.02
CA ALA A 138 -3.34 -22.37 -7.21
C ALA A 138 -1.91 -22.61 -7.69
N HIS A 139 -0.90 -22.04 -7.03
CA HIS A 139 0.46 -22.27 -7.48
C HIS A 139 1.40 -22.08 -6.29
N ASP A 140 2.69 -22.31 -6.51
CA ASP A 140 3.70 -22.04 -5.50
C ASP A 140 4.31 -20.68 -5.81
N PRO A 141 4.00 -19.69 -4.98
CA PRO A 141 4.46 -18.33 -5.30
C PRO A 141 5.86 -18.03 -4.75
N THR A 142 6.67 -19.05 -4.50
CA THR A 142 7.99 -18.82 -3.90
C THR A 142 9.14 -19.30 -4.79
N GLN A 143 8.83 -19.68 -6.03
CA GLN A 143 9.83 -20.38 -6.85
C GLN A 143 10.64 -19.50 -7.80
N GLY A 144 10.36 -18.21 -7.86
CA GLY A 144 11.18 -17.33 -8.67
C GLY A 144 10.92 -17.54 -10.16
N TYR A 145 11.96 -17.81 -10.94
CA TYR A 145 11.81 -17.91 -12.40
C TYR A 145 11.51 -19.34 -12.84
N ARG A 146 10.41 -19.87 -12.32
CA ARG A 146 10.08 -21.28 -12.47
C ARG A 146 8.69 -21.49 -11.88
N GLN A 147 7.92 -22.42 -12.42
CA GLN A 147 6.78 -22.97 -11.70
C GLN A 147 6.77 -24.46 -11.95
N GLY A 148 7.00 -25.25 -10.89
CA GLY A 148 7.12 -26.69 -11.03
C GLY A 148 8.23 -27.07 -11.98
N ASN A 149 7.93 -27.85 -13.01
CA ASN A 149 8.95 -28.25 -13.96
C ASN A 149 9.05 -27.28 -15.13
N ASP A 150 8.32 -26.18 -15.07
CA ASP A 150 8.46 -25.12 -16.08
C ASP A 150 9.50 -24.09 -15.65
N THR A 151 10.68 -24.14 -16.24
CA THR A 151 11.75 -23.20 -15.90
C THR A 151 11.79 -22.03 -16.89
N GLY A 152 11.92 -20.81 -16.40
CA GLY A 152 12.03 -19.65 -17.27
C GLY A 152 11.40 -18.43 -16.63
N THR A 153 11.90 -17.26 -16.97
CA THR A 153 11.30 -16.05 -16.43
C THR A 153 9.85 -15.88 -16.88
N GLN A 154 9.46 -16.53 -17.96
CA GLN A 154 8.07 -16.37 -18.44
C GLN A 154 7.09 -17.18 -17.59
N TYR A 155 7.58 -17.90 -16.60
CA TYR A 155 6.68 -18.66 -15.72
C TYR A 155 6.60 -18.07 -14.32
N ARG A 156 7.18 -16.89 -14.12
CA ARG A 156 7.23 -16.31 -12.77
C ARG A 156 5.85 -15.86 -12.27
N SER A 157 5.70 -15.79 -10.96
CA SER A 157 4.44 -15.41 -10.31
C SER A 157 4.21 -13.91 -10.44
N ALA A 158 2.98 -13.50 -10.79
CA ALA A 158 2.71 -12.06 -10.92
C ALA A 158 1.24 -11.71 -10.74
N ILE A 159 1.01 -10.49 -10.25
CA ILE A 159 -0.31 -9.88 -10.27
C ILE A 159 -0.14 -8.46 -10.81
N TYR A 160 -0.73 -8.17 -11.97
CA TYR A 160 -0.71 -6.78 -12.47
C TYR A 160 -2.12 -6.22 -12.39
N THR A 161 -2.24 -4.99 -11.89
CA THR A 161 -3.56 -4.42 -11.66
C THR A 161 -3.95 -3.34 -12.69
N ALA A 162 -5.25 -3.07 -12.78
CA ALA A 162 -5.76 -2.16 -13.80
C ALA A 162 -6.90 -1.30 -13.26
N GLY A 163 -7.29 -0.31 -14.04
CA GLY A 163 -8.43 0.52 -13.66
C GLY A 163 -8.03 1.76 -12.89
N PRO A 164 -9.03 2.57 -12.52
CA PRO A 164 -8.77 3.86 -11.87
C PRO A 164 -8.13 3.74 -10.49
N ASN A 165 -8.29 2.59 -9.84
CA ASN A 165 -7.69 2.37 -8.55
C ASN A 165 -6.53 1.37 -8.61
N ALA A 166 -5.85 1.30 -9.74
CA ALA A 166 -4.83 0.24 -9.96
C ALA A 166 -3.74 0.22 -8.89
N GLU A 167 -3.30 1.40 -8.46
N GLU A 167 -3.25 1.38 -8.45
CA GLU A 167 -2.26 1.53 -7.45
CA GLU A 167 -2.19 1.37 -7.43
C GLU A 167 -2.75 0.98 -6.11
C GLU A 167 -2.74 0.95 -6.07
N GLN A 168 -3.97 1.37 -5.75
CA GLN A 168 -4.60 0.92 -4.51
C GLN A 168 -4.85 -0.59 -4.55
N GLN A 169 -5.29 -1.10 -5.70
CA GLN A 169 -5.49 -2.55 -5.84
C GLN A 169 -4.15 -3.29 -5.72
N ALA A 170 -3.07 -2.73 -6.28
CA ALA A 170 -1.75 -3.36 -6.12
C ALA A 170 -1.38 -3.43 -4.63
N GLN A 171 -1.61 -2.34 -3.91
CA GLN A 171 -1.31 -2.36 -2.49
C GLN A 171 -2.16 -3.41 -1.77
N ARG A 172 -3.41 -3.53 -2.20
CA ARG A 172 -4.29 -4.51 -1.63
C ARG A 172 -3.80 -5.95 -1.89
N ALA A 173 -3.32 -6.21 -3.10
CA ALA A 173 -2.78 -7.53 -3.42
C ALA A 173 -1.54 -7.83 -2.58
N ARG A 174 -0.69 -6.82 -2.40
CA ARG A 174 0.48 -7.00 -1.56
C ARG A 174 0.09 -7.39 -0.14
N GLU A 175 -0.97 -6.78 0.40
CA GLU A 175 -1.42 -7.14 1.75
C GLU A 175 -1.90 -8.57 1.83
N ILE A 176 -2.65 -8.99 0.83
CA ILE A 176 -3.12 -10.36 0.81
C ILE A 176 -1.91 -11.27 0.67
N VAL A 177 -1.05 -10.94 -0.28
CA VAL A 177 0.05 -11.84 -0.55
C VAL A 177 0.96 -11.91 0.67
N GLU A 178 1.19 -10.79 1.34
CA GLU A 178 2.04 -10.78 2.50
C GLU A 178 1.48 -11.57 3.69
N HIS A 179 0.16 -11.71 3.73
N HIS A 179 0.16 -11.71 3.73
CA HIS A 179 -0.49 -12.52 4.75
CA HIS A 179 -0.51 -12.52 4.74
C HIS A 179 -0.18 -14.02 4.62
C HIS A 179 -0.11 -14.00 4.64
N TYR A 180 0.22 -14.45 3.43
CA TYR A 180 0.67 -15.83 3.22
C TYR A 180 2.13 -16.07 3.58
N ALA A 181 2.91 -15.00 3.72
CA ALA A 181 4.36 -15.15 3.92
C ALA A 181 4.74 -16.05 5.12
N PRO A 182 4.11 -15.85 6.29
CA PRO A 182 4.51 -16.72 7.40
C PRO A 182 4.18 -18.19 7.18
N LYS A 183 3.09 -18.45 6.47
CA LYS A 183 2.65 -19.82 6.23
C LYS A 183 3.65 -20.52 5.31
N LEU A 184 4.07 -19.80 4.28
CA LEU A 184 5.02 -20.34 3.30
C LEU A 184 6.41 -20.50 3.91
N ALA A 185 6.77 -19.57 4.78
CA ALA A 185 8.04 -19.64 5.51
C ALA A 185 8.03 -20.89 6.38
N ALA A 186 6.90 -21.15 7.03
CA ALA A 186 6.77 -22.30 7.92
C ALA A 186 6.81 -23.60 7.13
N ALA A 187 6.43 -23.54 5.85
CA ALA A 187 6.48 -24.72 4.99
C ALA A 187 7.90 -24.97 4.47
N GLY A 188 8.84 -24.10 4.81
CA GLY A 188 10.24 -24.32 4.44
C GLY A 188 10.53 -23.76 3.06
N LEU A 189 9.64 -22.91 2.56
CA LEU A 189 9.77 -22.42 1.19
C LEU A 189 10.47 -21.05 1.03
N GLY A 190 10.89 -20.41 2.12
CA GLY A 190 11.50 -19.10 1.98
C GLY A 190 10.52 -18.01 1.48
N ARG A 191 11.05 -16.99 0.80
CA ARG A 191 10.31 -15.76 0.47
C ARG A 191 9.33 -15.88 -0.69
N ILE A 192 8.25 -15.09 -0.65
CA ILE A 192 7.33 -15.00 -1.77
C ILE A 192 8.00 -14.23 -2.91
N THR A 193 7.92 -14.74 -4.14
CA THR A 193 8.60 -14.07 -5.26
C THR A 193 7.62 -13.36 -6.22
N THR A 194 6.33 -13.47 -5.94
CA THR A 194 5.29 -12.80 -6.77
C THR A 194 5.60 -11.31 -7.02
N GLU A 195 5.55 -10.91 -8.27
CA GLU A 195 5.76 -9.53 -8.71
C GLU A 195 4.39 -8.81 -8.77
N ILE A 196 4.22 -7.71 -8.02
CA ILE A 196 2.91 -7.07 -7.95
C ILE A 196 3.04 -5.57 -8.26
N LEU A 197 2.33 -5.10 -9.29
CA LEU A 197 2.35 -3.68 -9.67
C LEU A 197 1.26 -3.39 -10.70
N PRO A 198 0.91 -2.11 -10.88
CA PRO A 198 -0.06 -1.80 -11.94
C PRO A 198 0.48 -2.26 -13.30
N LEU A 199 -0.38 -2.78 -14.17
CA LEU A 199 0.02 -3.13 -15.54
C LEU A 199 0.71 -1.95 -16.22
N ALA A 200 0.15 -0.76 -16.01
CA ALA A 200 0.69 0.44 -16.66
C ALA A 200 2.09 0.78 -16.19
N SER A 201 2.49 0.22 -15.05
CA SER A 201 3.83 0.48 -14.48
C SER A 201 4.86 -0.58 -14.85
N THR A 202 4.45 -1.62 -15.56
CA THR A 202 5.42 -2.58 -16.11
C THR A 202 6.20 -1.92 -17.23
N PRO A 203 7.36 -2.48 -17.61
CA PRO A 203 8.16 -1.75 -18.62
C PRO A 203 7.41 -1.48 -19.93
N ALA A 204 6.72 -2.47 -20.49
CA ALA A 204 5.97 -2.22 -21.71
C ALA A 204 4.72 -1.45 -21.40
N GLY A 205 4.21 -1.59 -20.19
CA GLY A 205 3.02 -0.85 -19.77
C GLY A 205 1.69 -1.39 -20.31
N GLU A 206 1.71 -2.57 -20.93
CA GLU A 206 0.52 -3.10 -21.64
C GLU A 206 0.52 -4.59 -21.55
N TYR A 207 -0.65 -5.16 -21.81
CA TYR A 207 -0.82 -6.60 -21.95
C TYR A 207 -1.01 -6.93 -23.42
N TYR A 208 -0.38 -8.01 -23.88
CA TYR A 208 -0.43 -8.41 -25.29
C TYR A 208 -1.04 -9.80 -25.40
N MET A 209 -2.11 -9.91 -26.18
CA MET A 209 -2.74 -11.22 -26.34
C MET A 209 -1.87 -12.17 -27.12
N ALA A 210 -1.86 -13.44 -26.70
CA ALA A 210 -1.22 -14.50 -27.46
C ALA A 210 -2.05 -14.85 -28.71
N GLU A 211 -1.45 -15.59 -29.64
CA GLU A 211 -2.13 -16.07 -30.84
C GLU A 211 -3.46 -16.75 -30.53
N ASP A 212 -4.36 -16.73 -31.49
CA ASP A 212 -5.69 -17.34 -31.34
C ASP A 212 -5.69 -18.79 -30.83
N GLU A 213 -4.72 -19.57 -31.30
CA GLU A 213 -4.60 -20.97 -30.92
C GLU A 213 -4.46 -21.17 -29.42
N HIS A 214 -3.85 -20.22 -28.74
CA HIS A 214 -3.66 -20.32 -27.27
C HIS A 214 -4.92 -20.00 -26.46
N GLN A 215 -5.83 -19.23 -27.05
CA GLN A 215 -7.03 -18.78 -26.34
C GLN A 215 -7.93 -19.96 -26.09
N GLN A 216 -8.19 -20.26 -24.82
CA GLN A 216 -8.97 -21.43 -24.42
C GLN A 216 -8.42 -22.72 -25.03
N TYR A 217 -7.10 -22.80 -25.09
CA TYR A 217 -6.43 -23.96 -25.70
C TYR A 217 -6.95 -25.31 -25.21
N LEU A 218 -7.10 -25.43 -23.89
CA LEU A 218 -7.47 -26.72 -23.32
C LEU A 218 -8.91 -27.09 -23.65
N HIS A 219 -9.75 -26.10 -23.88
CA HIS A 219 -11.12 -26.39 -24.33
C HIS A 219 -11.13 -26.82 -25.80
N LYS A 220 -10.42 -26.08 -26.64
CA LYS A 220 -10.37 -26.36 -28.08
C LYS A 220 -9.68 -27.68 -28.38
N ASN A 221 -8.68 -28.01 -27.58
CA ASN A 221 -7.95 -29.25 -27.82
C ASN A 221 -7.92 -30.09 -26.55
N PRO A 222 -8.94 -30.92 -26.38
CA PRO A 222 -9.07 -31.77 -25.19
C PRO A 222 -7.96 -32.84 -25.11
N LEU A 223 -7.20 -33.02 -26.18
CA LEU A 223 -6.03 -33.92 -26.13
C LEU A 223 -4.80 -33.16 -25.58
N GLY A 224 -4.92 -31.85 -25.44
CA GLY A 224 -3.78 -31.06 -24.97
C GLY A 224 -3.72 -30.97 -23.45
N TYR A 225 -2.55 -30.66 -22.92
CA TYR A 225 -2.39 -30.53 -21.46
C TYR A 225 -1.10 -29.75 -21.22
N CYS A 226 -0.99 -29.10 -20.07
CA CYS A 226 0.21 -28.34 -19.73
CA CYS A 226 0.22 -28.34 -19.75
C CYS A 226 1.40 -29.30 -19.65
N PRO A 227 2.52 -28.93 -20.27
CA PRO A 227 3.67 -29.84 -20.29
C PRO A 227 4.14 -30.27 -18.91
N HIS A 228 4.70 -31.47 -18.87
CA HIS A 228 5.25 -32.12 -17.67
C HIS A 228 4.13 -32.68 -16.80
N HIS A 229 2.93 -32.84 -17.37
CA HIS A 229 1.82 -33.44 -16.62
C HIS A 229 1.31 -34.73 -17.23
N SER A 230 2.09 -35.34 -18.13
CA SER A 230 1.68 -36.66 -18.65
C SER A 230 1.61 -37.68 -17.52
N THR A 231 0.85 -38.75 -17.73
CA THR A 231 0.69 -39.78 -16.71
C THR A 231 1.30 -41.10 -17.15
N GLY A 232 1.29 -42.07 -16.25
CA GLY A 232 1.81 -43.40 -16.52
C GLY A 232 0.71 -44.42 -16.75
N VAL A 233 -0.53 -43.94 -16.94
CA VAL A 233 -1.68 -44.82 -17.17
C VAL A 233 -2.46 -44.39 -18.40
N ALA A 234 -3.39 -45.25 -18.85
CA ALA A 234 -4.25 -44.93 -19.99
C ALA A 234 -3.37 -44.55 -21.20
N CYS A 235 -3.60 -43.39 -21.78
CA CYS A 235 -2.78 -42.97 -22.90
C CYS A 235 -1.85 -41.83 -22.51
N GLY A 236 -1.66 -41.64 -21.21
CA GLY A 236 -0.68 -40.67 -20.73
C GLY A 236 -1.22 -39.27 -20.63
N ILE A 237 -2.44 -39.06 -21.10
CA ILE A 237 -3.06 -37.73 -21.04
C ILE A 237 -3.80 -37.60 -19.71
N PRO A 238 -3.48 -36.56 -18.94
CA PRO A 238 -4.12 -36.39 -17.62
C PRO A 238 -5.62 -36.11 -17.73
N GLU A 239 -6.40 -36.52 -16.74
CA GLU A 239 -7.86 -36.33 -16.79
C GLU A 239 -8.28 -34.93 -16.36
N PRO B 28 34.10 18.02 5.35
CA PRO B 28 33.16 16.91 5.57
C PRO B 28 33.68 15.62 4.99
N ARG B 29 33.28 14.49 5.59
CA ARG B 29 33.65 13.18 5.07
C ARG B 29 32.51 12.24 5.33
N LEU B 30 32.34 11.25 4.46
CA LEU B 30 31.38 10.18 4.73
C LEU B 30 31.88 9.42 5.94
N VAL B 31 30.97 8.92 6.76
CA VAL B 31 31.34 8.10 7.89
C VAL B 31 31.44 6.64 7.46
N GLU B 32 32.24 5.85 8.17
CA GLU B 32 32.22 4.41 7.97
C GLU B 32 30.87 3.87 8.39
N GLU B 33 30.37 2.89 7.65
CA GLU B 33 29.03 2.39 7.89
C GLU B 33 28.91 1.79 9.28
N LYS B 34 30.02 1.31 9.84
CA LYS B 34 30.00 0.82 11.22
C LYS B 34 29.75 1.97 12.19
N ASP B 35 30.05 3.20 11.78
CA ASP B 35 29.86 4.37 12.64
C ASP B 35 28.58 5.17 12.32
N ALA B 36 27.85 4.76 11.30
CA ALA B 36 26.67 5.52 10.91
C ALA B 36 25.55 5.31 11.91
N LEU B 37 24.61 6.24 11.95
CA LEU B 37 23.43 6.11 12.80
C LEU B 37 22.63 4.85 12.41
N LYS B 38 22.06 4.16 13.39
CA LYS B 38 21.38 2.90 13.11
C LYS B 38 20.01 3.10 12.48
N GLY B 39 19.38 4.22 12.80
CA GLY B 39 18.06 4.50 12.26
C GLY B 39 17.03 3.48 12.73
N GLY B 40 16.06 3.20 11.87
CA GLY B 40 15.00 2.27 12.21
C GLY B 40 14.10 1.89 11.06
N PRO B 41 13.16 0.97 11.32
CA PRO B 41 12.23 0.44 10.33
C PRO B 41 10.97 1.30 10.14
N HIS B 42 10.74 2.30 11.00
CA HIS B 42 9.50 3.06 10.93
C HIS B 42 9.71 4.41 10.23
N PRO B 43 8.87 4.69 9.22
CA PRO B 43 9.00 5.95 8.46
C PRO B 43 8.71 7.16 9.33
N VAL B 44 9.50 8.22 9.14
CA VAL B 44 9.29 9.47 9.88
C VAL B 44 8.07 10.22 9.32
N LEU B 45 7.66 9.88 8.10
CA LEU B 45 6.41 10.43 7.54
C LEU B 45 5.50 9.27 7.18
N PRO B 46 4.80 8.75 8.19
CA PRO B 46 4.03 7.53 7.95
C PRO B 46 2.83 7.74 7.04
N ASN B 47 2.31 8.96 6.94
CA ASN B 47 1.10 9.24 6.14
C ASN B 47 1.29 10.42 5.20
N PRO B 48 2.06 10.22 4.11
CA PRO B 48 2.30 11.37 3.24
C PRO B 48 1.02 11.96 2.69
N GLN B 49 1.00 13.29 2.70
CA GLN B 49 -0.16 14.05 2.31
C GLN B 49 -0.11 14.45 0.85
N PRO B 50 -1.28 14.65 0.24
CA PRO B 50 -1.33 15.11 -1.15
C PRO B 50 -0.50 16.38 -1.33
N HIS B 51 0.22 16.49 -2.44
CA HIS B 51 1.11 17.61 -2.70
C HIS B 51 0.41 18.95 -2.46
N ALA B 52 1.03 19.85 -1.71
CA ALA B 52 0.37 21.10 -1.35
C ALA B 52 0.02 21.98 -2.57
N VAL B 53 0.75 21.80 -3.67
CA VAL B 53 0.49 22.56 -4.91
C VAL B 53 -0.21 21.70 -5.99
N LEU B 54 0.29 20.50 -6.21
CA LEU B 54 -0.20 19.64 -7.29
C LEU B 54 -1.41 18.78 -6.91
N GLY B 55 -1.61 18.55 -5.61
CA GLY B 55 -2.76 17.77 -5.16
C GLY B 55 -2.60 16.27 -5.35
N THR B 56 -1.36 15.82 -5.61
CA THR B 56 -1.08 14.43 -5.99
C THR B 56 -0.30 13.64 -4.93
N LEU B 57 -0.23 12.32 -5.12
CA LEU B 57 0.72 11.45 -4.39
C LEU B 57 1.56 10.71 -5.45
N ARG B 58 2.59 9.96 -5.04
CA ARG B 58 3.51 9.32 -6.00
C ARG B 58 2.89 8.15 -6.76
N GLY B 59 1.82 7.60 -6.19
CA GLY B 59 1.09 6.49 -6.79
C GLY B 59 0.50 6.52 -8.18
N GLN B 60 1.13 7.17 -9.17
CA GLN B 60 0.52 7.22 -10.50
C GLN B 60 1.10 6.21 -11.49
N PRO B 61 0.27 5.25 -11.91
CA PRO B 61 0.77 4.22 -12.83
C PRO B 61 1.26 4.77 -14.17
N GLY B 62 2.37 4.26 -14.69
CA GLY B 62 2.87 4.70 -15.98
C GLY B 62 3.82 5.90 -15.89
N THR B 63 3.96 6.48 -14.72
CA THR B 63 4.90 7.58 -14.56
C THR B 63 6.31 7.06 -14.36
N GLU B 64 7.31 7.94 -14.51
N GLU B 64 7.29 7.95 -14.50
CA GLU B 64 8.67 7.58 -14.17
CA GLU B 64 8.67 7.61 -14.20
C GLU B 64 9.14 8.46 -13.03
C GLU B 64 9.15 8.48 -13.03
N THR B 65 10.22 8.04 -12.37
CA THR B 65 10.78 8.76 -11.23
C THR B 65 12.27 8.96 -11.43
N ILE B 66 12.75 10.15 -11.09
CA ILE B 66 14.17 10.38 -10.97
C ILE B 66 14.44 11.08 -9.61
N TYR B 67 15.57 10.77 -8.97
CA TYR B 67 15.91 11.34 -7.68
C TYR B 67 17.05 12.30 -7.88
N ILE B 68 16.87 13.55 -7.47
CA ILE B 68 17.82 14.64 -7.78
C ILE B 68 18.37 15.30 -6.52
N GLY B 69 19.69 15.43 -6.40
CA GLY B 69 20.29 16.14 -5.28
C GLY B 69 21.09 17.32 -5.82
N ILE B 70 20.68 18.55 -5.50
CA ILE B 70 21.40 19.75 -5.94
C ILE B 70 21.63 20.74 -4.80
N GLY B 71 21.62 20.24 -3.56
CA GLY B 71 21.79 21.12 -2.40
C GLY B 71 20.47 21.22 -1.64
N CYS B 72 20.24 22.36 -0.98
CA CYS B 72 19.05 22.58 -0.14
CA CYS B 72 19.05 22.56 -0.14
C CYS B 72 17.79 22.09 -0.84
N TYR B 73 17.17 21.02 -0.33
CA TYR B 73 16.04 20.47 -1.07
C TYR B 73 14.76 21.35 -1.10
N TRP B 74 14.62 22.33 -0.21
CA TRP B 74 13.41 23.15 -0.23
C TRP B 74 13.29 23.88 -1.57
N GLY B 75 14.39 24.52 -2.00
CA GLY B 75 14.41 25.28 -3.23
C GLY B 75 14.36 24.35 -4.42
N ALA B 76 15.06 23.23 -4.29
CA ALA B 76 15.10 22.25 -5.35
C ALA B 76 13.70 21.64 -5.58
N GLU B 77 12.95 21.40 -4.52
CA GLU B 77 11.63 20.78 -4.74
C GLU B 77 10.74 21.71 -5.56
N LYS B 78 10.76 22.98 -5.19
CA LYS B 78 9.95 24.01 -5.82
C LYS B 78 10.27 24.09 -7.31
N LEU B 79 11.55 24.06 -7.61
CA LEU B 79 12.01 24.08 -9.01
C LEU B 79 11.36 22.97 -9.82
N PHE B 80 11.34 21.78 -9.24
CA PHE B 80 10.80 20.66 -10.00
C PHE B 80 9.28 20.61 -9.98
N TRP B 81 8.60 20.96 -8.89
CA TRP B 81 7.13 20.88 -9.00
C TRP B 81 6.58 21.99 -9.90
N GLU B 82 7.36 23.06 -10.12
CA GLU B 82 6.92 24.07 -11.06
C GLU B 82 7.27 23.70 -12.50
N THR B 83 7.88 22.54 -12.72
CA THR B 83 8.23 22.08 -14.07
C THR B 83 7.06 21.35 -14.78
N PRO B 84 6.69 21.83 -15.97
CA PRO B 84 5.63 21.15 -16.73
C PRO B 84 5.98 19.68 -16.99
N GLY B 85 5.04 18.78 -16.73
CA GLY B 85 5.25 17.34 -16.91
C GLY B 85 5.59 16.63 -15.60
N VAL B 86 6.02 17.39 -14.60
CA VAL B 86 6.27 16.81 -13.28
C VAL B 86 4.91 16.72 -12.58
N VAL B 87 4.54 15.53 -12.12
CA VAL B 87 3.20 15.31 -11.59
C VAL B 87 3.18 15.09 -10.07
N TYR B 88 4.34 14.85 -9.48
CA TYR B 88 4.46 14.76 -8.03
C TYR B 88 5.89 14.99 -7.62
N THR B 89 6.10 15.60 -6.45
CA THR B 89 7.45 15.68 -5.87
C THR B 89 7.40 15.41 -4.38
N SER B 90 8.53 15.02 -3.83
CA SER B 90 8.69 15.02 -2.38
C SER B 90 10.16 15.30 -2.08
N VAL B 91 10.46 15.56 -0.82
CA VAL B 91 11.84 15.69 -0.41
C VAL B 91 12.18 14.66 0.65
N GLY B 92 13.45 14.28 0.69
CA GLY B 92 13.90 13.26 1.60
C GLY B 92 15.37 12.97 1.42
N PHE B 93 15.72 11.72 1.69
CA PHE B 93 17.13 11.36 1.88
C PHE B 93 17.42 10.06 1.14
N ALA B 94 18.54 10.02 0.43
CA ALA B 94 18.99 8.79 -0.24
C ALA B 94 20.47 8.89 -0.50
N GLY B 95 21.13 7.75 -0.74
CA GLY B 95 22.54 7.80 -1.14
C GLY B 95 23.42 7.38 0.01
N GLY B 96 22.84 7.35 1.21
CA GLY B 96 23.54 6.96 2.42
C GLY B 96 23.15 5.56 2.88
N ILE B 97 23.23 5.34 4.18
CA ILE B 97 23.03 3.98 4.70
C ILE B 97 21.92 3.91 5.77
N THR B 98 21.78 4.94 6.60
CA THR B 98 20.83 4.90 7.73
C THR B 98 19.38 4.73 7.25
N PRO B 99 18.69 3.70 7.74
CA PRO B 99 17.29 3.52 7.34
C PRO B 99 16.34 4.50 8.05
N ASN B 100 15.39 5.07 7.31
CA ASN B 100 14.42 6.04 7.88
C ASN B 100 15.00 7.04 8.88
N PRO B 101 15.97 7.86 8.44
CA PRO B 101 16.55 8.86 9.34
C PRO B 101 15.58 10.01 9.57
N THR B 102 15.60 10.60 10.76
CA THR B 102 14.94 11.87 10.96
C THR B 102 15.78 12.95 10.28
N TYR B 103 15.19 14.10 10.02
CA TYR B 103 15.93 15.23 9.47
C TYR B 103 17.10 15.59 10.39
N ARG B 104 16.85 15.59 11.69
CA ARG B 104 17.90 15.95 12.62
C ARG B 104 19.08 14.99 12.52
N GLU B 105 18.78 13.70 12.36
CA GLU B 105 19.84 12.71 12.18
C GLU B 105 20.64 12.97 10.91
N THR B 106 19.94 13.25 9.83
CA THR B 106 20.60 13.52 8.55
C THR B 106 21.51 14.75 8.65
N CYS B 107 21.11 15.74 9.43
CA CYS B 107 21.92 16.96 9.58
C CYS B 107 23.24 16.76 10.34
N THR B 108 23.37 15.66 11.06
CA THR B 108 24.62 15.35 11.76
C THR B 108 25.71 14.93 10.79
N GLY B 109 25.33 14.55 9.58
CA GLY B 109 26.28 14.02 8.62
C GLY B 109 26.55 12.54 8.81
N ARG B 110 25.96 11.94 9.85
CA ARG B 110 26.33 10.57 10.19
C ARG B 110 25.38 9.53 9.58
N THR B 111 24.61 9.91 8.57
CA THR B 111 23.78 8.93 7.84
C THR B 111 24.33 8.68 6.45
N ASN B 112 25.22 9.58 6.04
CA ASN B 112 25.76 9.63 4.67
C ASN B 112 24.75 9.93 3.57
N HIS B 113 23.47 10.16 3.90
CA HIS B 113 22.51 10.48 2.85
C HIS B 113 22.69 11.89 2.28
N THR B 114 22.21 12.12 1.08
N THR B 114 22.14 12.05 1.07
CA THR B 114 22.16 13.50 0.63
CA THR B 114 22.01 13.29 0.32
C THR B 114 20.69 13.92 0.49
C THR B 114 20.61 13.90 0.52
N GLU B 115 20.47 15.23 0.52
CA GLU B 115 19.14 15.81 0.38
C GLU B 115 18.66 15.66 -1.05
N ILE B 116 17.52 14.97 -1.19
CA ILE B 116 17.05 14.51 -2.49
C ILE B 116 15.63 15.00 -2.74
N VAL B 117 15.37 15.38 -3.99
CA VAL B 117 14.00 15.58 -4.46
C VAL B 117 13.57 14.36 -5.26
N GLU B 118 12.51 13.71 -4.82
CA GLU B 118 11.87 12.67 -5.62
C GLU B 118 11.05 13.37 -6.71
N VAL B 119 11.41 13.15 -7.99
CA VAL B 119 10.70 13.78 -9.10
C VAL B 119 9.92 12.72 -9.90
N VAL B 120 8.60 12.75 -9.80
CA VAL B 120 7.74 11.82 -10.53
C VAL B 120 7.14 12.58 -11.72
N TYR B 121 7.31 12.02 -12.91
CA TYR B 121 6.96 12.78 -14.11
C TYR B 121 6.28 11.90 -15.15
N ASP B 122 5.54 12.56 -16.02
CA ASP B 122 4.88 11.97 -17.18
C ASP B 122 5.81 12.07 -18.39
N PRO B 123 6.34 10.92 -18.85
CA PRO B 123 7.37 10.99 -19.89
C PRO B 123 6.82 11.45 -21.25
N THR B 124 5.50 11.57 -21.40
CA THR B 124 4.95 12.11 -22.65
C THR B 124 4.96 13.65 -22.61
N GLN B 125 5.25 14.21 -21.45
CA GLN B 125 5.26 15.66 -21.26
C GLN B 125 6.63 16.24 -20.97
N VAL B 126 7.45 15.47 -20.28
CA VAL B 126 8.83 15.89 -20.03
C VAL B 126 9.72 14.65 -20.02
N THR B 127 10.95 14.77 -20.53
CA THR B 127 11.79 13.60 -20.67
C THR B 127 12.82 13.49 -19.55
N PHE B 128 13.31 12.28 -19.36
CA PHE B 128 14.44 12.03 -18.47
C PHE B 128 15.60 12.97 -18.76
N ASP B 129 15.95 13.10 -20.04
CA ASP B 129 17.05 13.97 -20.47
C ASP B 129 16.85 15.42 -20.06
N GLU B 130 15.63 15.90 -20.24
CA GLU B 130 15.32 17.27 -19.89
C GLU B 130 15.45 17.51 -18.41
N LEU B 131 15.07 16.53 -17.61
CA LEU B 131 15.15 16.70 -16.15
C LEU B 131 16.61 16.68 -15.69
N VAL B 132 17.43 15.84 -16.30
CA VAL B 132 18.87 15.82 -15.97
C VAL B 132 19.47 17.17 -16.31
N VAL B 133 19.14 17.70 -17.47
CA VAL B 133 19.66 19.00 -17.88
C VAL B 133 19.22 20.11 -16.93
N LYS B 134 17.95 20.09 -16.54
CA LYS B 134 17.44 21.10 -15.63
C LYS B 134 18.18 21.05 -14.29
N ALA B 135 18.42 19.84 -13.78
CA ALA B 135 19.18 19.70 -12.54
C ALA B 135 20.60 20.29 -12.69
N MET B 136 21.29 19.91 -13.75
N MET B 136 21.29 19.93 -13.76
CA MET B 136 22.67 20.38 -13.97
CA MET B 136 22.66 20.36 -13.96
C MET B 136 22.74 21.90 -14.01
C MET B 136 22.81 21.87 -14.14
N GLU B 137 21.78 22.51 -14.70
CA GLU B 137 21.85 23.94 -14.92
C GLU B 137 21.36 24.74 -13.72
N ALA B 138 20.82 24.05 -12.73
CA ALA B 138 20.28 24.71 -11.53
C ALA B 138 21.25 24.75 -10.35
N HIS B 139 22.44 24.19 -10.50
CA HIS B 139 23.40 24.25 -9.41
C HIS B 139 24.81 24.11 -9.97
N ASP B 140 25.81 24.18 -9.09
CA ASP B 140 27.19 23.91 -9.45
C ASP B 140 27.54 22.46 -9.12
N PRO B 141 27.74 21.60 -10.14
CA PRO B 141 27.94 20.17 -9.87
C PRO B 141 29.40 19.80 -9.60
N THR B 142 30.22 20.76 -9.21
CA THR B 142 31.63 20.51 -9.03
C THR B 142 32.10 20.78 -7.61
N GLN B 143 31.19 20.98 -6.67
CA GLN B 143 31.61 21.46 -5.35
C GLN B 143 31.82 20.36 -4.30
N GLY B 144 31.56 19.11 -4.63
CA GLY B 144 31.81 18.04 -3.68
C GLY B 144 30.81 18.04 -2.54
N TYR B 145 31.30 18.06 -1.30
CA TYR B 145 30.41 17.95 -0.12
C TYR B 145 29.98 19.33 0.39
N ARG B 146 29.34 20.07 -0.51
CA ARG B 146 29.00 21.47 -0.30
C ARG B 146 28.14 21.92 -1.49
N GLN B 147 27.20 22.83 -1.25
CA GLN B 147 26.61 23.59 -2.36
C GLN B 147 26.49 25.03 -1.85
N GLY B 148 27.24 25.95 -2.45
CA GLY B 148 27.26 27.33 -1.96
C GLY B 148 27.76 27.41 -0.53
N ASN B 149 26.96 28.01 0.35
CA ASN B 149 27.32 28.14 1.76
C ASN B 149 26.80 27.00 2.65
N ASP B 150 26.19 26.01 2.02
CA ASP B 150 25.76 24.79 2.69
C ASP B 150 26.85 23.73 2.63
N THR B 151 27.57 23.56 3.73
CA THR B 151 28.63 22.58 3.81
C THR B 151 28.12 21.28 4.42
N GLY B 152 28.47 20.15 3.82
CA GLY B 152 28.10 18.86 4.37
C GLY B 152 27.88 17.81 3.30
N THR B 153 28.11 16.55 3.64
CA THR B 153 27.87 15.49 2.66
C THR B 153 26.40 15.45 2.26
N GLN B 154 25.50 15.99 3.09
CA GLN B 154 24.09 15.92 2.74
C GLN B 154 23.73 16.96 1.67
N TYR B 155 24.69 17.77 1.22
CA TYR B 155 24.39 18.75 0.16
C TYR B 155 25.05 18.40 -1.16
N ARG B 156 25.61 17.19 -1.25
CA ARG B 156 26.34 16.83 -2.46
C ARG B 156 25.43 16.63 -3.65
N SER B 157 25.99 16.82 -4.84
CA SER B 157 25.28 16.68 -6.09
C SER B 157 24.99 15.20 -6.39
N ALA B 158 23.76 14.86 -6.81
CA ALA B 158 23.42 13.47 -7.08
C ALA B 158 22.29 13.28 -8.10
N ILE B 159 22.36 12.17 -8.82
CA ILE B 159 21.25 11.69 -9.63
C ILE B 159 21.13 10.20 -9.36
N TYR B 160 20.04 9.79 -8.73
CA TYR B 160 19.84 8.36 -8.54
C TYR B 160 18.66 7.96 -9.43
N THR B 161 18.82 6.87 -10.15
CA THR B 161 17.83 6.45 -11.13
C THR B 161 16.98 5.32 -10.60
N ALA B 162 15.82 5.10 -11.22
CA ALA B 162 14.86 4.19 -10.63
C ALA B 162 14.29 3.23 -11.65
N GLY B 163 13.65 2.19 -11.15
CA GLY B 163 13.00 1.21 -12.00
C GLY B 163 13.93 0.10 -12.47
N PRO B 164 13.40 -0.86 -13.24
CA PRO B 164 14.13 -2.04 -13.71
C PRO B 164 15.24 -1.67 -14.70
N ASN B 165 15.15 -0.51 -15.32
CA ASN B 165 16.18 -0.12 -16.29
C ASN B 165 17.08 0.98 -15.73
N ALA B 166 17.17 1.05 -14.40
CA ALA B 166 17.92 2.12 -13.75
C ALA B 166 19.39 2.20 -14.20
N GLU B 167 20.01 1.06 -14.48
CA GLU B 167 21.42 1.06 -14.86
C GLU B 167 21.63 1.79 -16.18
N GLN B 168 20.80 1.49 -17.18
CA GLN B 168 20.92 2.19 -18.45
C GLN B 168 20.61 3.69 -18.29
N GLN B 169 19.60 4.03 -17.50
N GLN B 169 19.62 4.03 -17.49
CA GLN B 169 19.30 5.44 -17.29
CA GLN B 169 19.28 5.43 -17.28
C GLN B 169 20.45 6.14 -16.58
C GLN B 169 20.39 6.16 -16.52
N ALA B 170 21.10 5.46 -15.64
CA ALA B 170 22.26 6.04 -14.97
C ALA B 170 23.38 6.32 -15.98
N GLN B 171 23.61 5.38 -16.89
CA GLN B 171 24.63 5.58 -17.92
C GLN B 171 24.25 6.74 -18.82
N ARG B 172 22.96 6.87 -19.14
CA ARG B 172 22.49 8.01 -19.91
C ARG B 172 22.71 9.35 -19.16
N ALA B 173 22.41 9.37 -17.86
CA ALA B 173 22.62 10.59 -17.09
C ALA B 173 24.11 10.98 -17.07
N ARG B 174 24.99 10.00 -16.91
CA ARG B 174 26.45 10.25 -16.96
C ARG B 174 26.86 10.86 -18.30
N GLU B 175 26.30 10.34 -19.38
CA GLU B 175 26.58 10.87 -20.72
C GLU B 175 26.20 12.34 -20.84
N ILE B 176 25.02 12.66 -20.36
CA ILE B 176 24.52 14.02 -20.40
C ILE B 176 25.38 14.95 -19.55
N VAL B 177 25.67 14.52 -18.34
CA VAL B 177 26.43 15.33 -17.39
C VAL B 177 27.85 15.58 -17.87
N GLU B 178 28.47 14.55 -18.43
CA GLU B 178 29.82 14.65 -18.98
C GLU B 178 29.91 15.56 -20.20
N HIS B 179 28.79 15.84 -20.86
CA HIS B 179 28.78 16.83 -21.93
C HIS B 179 29.16 18.20 -21.41
N TYR B 180 28.95 18.42 -20.12
CA TYR B 180 29.24 19.71 -19.49
C TYR B 180 30.68 19.87 -19.02
N ALA B 181 31.40 18.76 -18.94
CA ALA B 181 32.75 18.77 -18.37
C ALA B 181 33.72 19.78 -19.02
N PRO B 182 33.78 19.85 -20.36
CA PRO B 182 34.76 20.82 -20.91
C PRO B 182 34.44 22.27 -20.57
N LYS B 183 33.15 22.61 -20.52
CA LYS B 183 32.74 23.98 -20.20
C LYS B 183 33.08 24.36 -18.77
N LEU B 184 32.82 23.43 -17.86
CA LEU B 184 33.09 23.65 -16.46
C LEU B 184 34.59 23.72 -16.22
N ALA B 185 35.31 22.86 -16.92
CA ALA B 185 36.75 22.83 -16.80
C ALA B 185 37.37 24.17 -17.24
N ALA B 186 36.91 24.69 -18.38
CA ALA B 186 37.49 25.93 -18.92
C ALA B 186 37.16 27.11 -18.01
N ALA B 187 36.04 27.00 -17.30
CA ALA B 187 35.63 28.04 -16.37
C ALA B 187 36.38 27.94 -15.02
N GLY B 188 37.24 26.92 -14.87
CA GLY B 188 38.08 26.81 -13.69
C GLY B 188 37.42 26.03 -12.55
N LEU B 189 36.36 25.32 -12.87
CA LEU B 189 35.61 24.64 -11.79
C LEU B 189 36.07 23.20 -11.56
N GLY B 190 37.03 22.74 -12.37
CA GLY B 190 37.54 21.40 -12.18
C GLY B 190 36.53 20.31 -12.43
N ARG B 191 36.67 19.20 -11.69
CA ARG B 191 35.92 17.99 -11.93
C ARG B 191 34.49 17.99 -11.41
N ILE B 192 33.59 17.36 -12.18
CA ILE B 192 32.19 17.19 -11.77
C ILE B 192 32.15 16.17 -10.65
N THR B 193 31.44 16.49 -9.57
CA THR B 193 31.43 15.60 -8.41
C THR B 193 30.10 14.87 -8.26
N THR B 194 29.15 15.17 -9.13
CA THR B 194 27.83 14.52 -9.09
C THR B 194 27.93 13.00 -8.98
N GLU B 195 27.22 12.46 -8.01
CA GLU B 195 27.16 11.03 -7.79
C GLU B 195 26.00 10.44 -8.58
N ILE B 196 26.29 9.53 -9.51
CA ILE B 196 25.24 9.00 -10.38
C ILE B 196 25.22 7.48 -10.37
N LEU B 197 24.09 6.91 -9.93
CA LEU B 197 23.95 5.46 -9.86
C LEU B 197 22.48 5.11 -9.61
N PRO B 198 22.11 3.86 -9.85
CA PRO B 198 20.74 3.47 -9.49
C PRO B 198 20.48 3.65 -8.00
N LEU B 199 19.30 4.14 -7.65
CA LEU B 199 18.90 4.21 -6.25
C LEU B 199 19.12 2.84 -5.58
N ALA B 200 18.82 1.77 -6.30
CA ALA B 200 18.94 0.44 -5.70
C ALA B 200 20.39 0.10 -5.35
N SER B 201 21.33 0.80 -5.98
CA SER B 201 22.76 0.55 -5.79
C SER B 201 23.42 1.43 -4.72
N THR B 202 22.65 2.36 -4.15
CA THR B 202 23.13 3.13 -3.00
C THR B 202 23.18 2.21 -1.80
N PRO B 203 23.94 2.59 -0.75
CA PRO B 203 24.10 1.63 0.36
C PRO B 203 22.77 1.20 0.99
N ALA B 204 21.87 2.12 1.27
CA ALA B 204 20.58 1.77 1.86
C ALA B 204 19.62 1.15 0.82
N GLY B 205 19.84 1.50 -0.45
CA GLY B 205 19.05 0.96 -1.55
C GLY B 205 17.65 1.56 -1.69
N GLU B 206 17.36 2.62 -0.93
CA GLU B 206 16.00 3.16 -0.84
C GLU B 206 16.02 4.66 -0.63
N TYR B 207 14.89 5.31 -0.95
CA TYR B 207 14.69 6.72 -0.67
C TYR B 207 13.75 6.84 0.51
N TYR B 208 14.03 7.80 1.40
CA TYR B 208 13.23 8.01 2.61
C TYR B 208 12.67 9.42 2.65
N MET B 209 11.36 9.57 2.77
CA MET B 209 10.77 10.91 2.84
C MET B 209 11.16 11.62 4.12
N ALA B 210 11.42 12.93 4.02
CA ALA B 210 11.59 13.77 5.19
C ALA B 210 10.25 13.95 5.87
N GLU B 211 10.28 14.46 7.10
CA GLU B 211 9.06 14.77 7.87
C GLU B 211 8.09 15.65 7.07
N ASP B 212 6.81 15.56 7.39
CA ASP B 212 5.75 16.29 6.68
C ASP B 212 6.03 17.79 6.55
N GLU B 213 6.62 18.38 7.58
CA GLU B 213 6.91 19.81 7.59
C GLU B 213 7.78 20.25 6.41
N HIS B 214 8.66 19.36 5.96
CA HIS B 214 9.58 19.65 4.85
C HIS B 214 8.92 19.61 3.48
N GLN B 215 7.81 18.87 3.37
CA GLN B 215 7.15 18.67 2.07
C GLN B 215 6.51 19.98 1.61
N GLN B 216 6.94 20.49 0.45
CA GLN B 216 6.50 21.78 -0.10
C GLN B 216 6.66 22.92 0.91
N TYR B 217 7.77 22.87 1.64
CA TYR B 217 8.06 23.82 2.72
C TYR B 217 7.89 25.28 2.29
N LEU B 218 8.45 25.64 1.14
CA LEU B 218 8.44 27.05 0.73
C LEU B 218 7.05 27.53 0.34
N HIS B 219 6.21 26.61 -0.10
CA HIS B 219 4.82 26.95 -0.37
C HIS B 219 4.05 27.14 0.93
N LYS B 220 4.24 26.21 1.86
CA LYS B 220 3.55 26.26 3.15
C LYS B 220 3.95 27.45 4.00
N ASN B 221 5.21 27.86 3.91
N ASN B 221 5.21 27.87 3.83
CA ASN B 221 5.69 28.98 4.69
CA ASN B 221 5.81 28.94 4.62
C ASN B 221 6.37 30.01 3.82
C ASN B 221 6.41 30.02 3.76
N PRO B 222 5.59 30.99 3.34
CA PRO B 222 6.12 32.05 2.47
C PRO B 222 7.17 32.94 3.16
N LEU B 223 7.31 32.88 4.48
CA LEU B 223 8.38 33.59 5.19
C LEU B 223 9.68 32.77 5.23
N GLY B 224 9.61 31.51 4.79
CA GLY B 224 10.77 30.64 4.84
C GLY B 224 11.65 30.75 3.60
N TYR B 225 12.91 30.36 3.74
CA TYR B 225 13.86 30.43 2.62
C TYR B 225 15.06 29.55 2.94
N CYS B 226 15.75 29.10 1.89
CA CYS B 226 16.95 28.27 2.08
CA CYS B 226 16.94 28.28 2.06
C CYS B 226 18.00 29.08 2.83
N PRO B 227 18.60 28.47 3.88
CA PRO B 227 19.58 29.20 4.67
C PRO B 227 20.74 29.79 3.87
N HIS B 228 21.28 30.88 4.41
CA HIS B 228 22.41 31.62 3.85
C HIS B 228 21.96 32.49 2.69
N HIS B 229 20.66 32.74 2.59
CA HIS B 229 20.16 33.63 1.55
C HIS B 229 19.48 34.89 2.08
N SER B 230 19.69 35.21 3.35
CA SER B 230 19.16 36.46 3.89
C SER B 230 19.82 37.62 3.17
N THR B 231 19.13 38.76 3.18
CA THR B 231 19.64 39.93 2.49
C THR B 231 19.99 41.01 3.49
N GLY B 232 20.56 42.10 3.00
CA GLY B 232 20.94 43.21 3.85
C GLY B 232 19.94 44.34 3.75
N VAL B 233 18.79 44.07 3.15
CA VAL B 233 17.75 45.09 2.96
C VAL B 233 16.38 44.63 3.46
N ALA B 234 15.43 45.56 3.54
CA ALA B 234 14.07 45.21 3.98
C ALA B 234 14.09 44.51 5.34
N CYS B 235 13.49 43.33 5.42
CA CYS B 235 13.52 42.58 6.67
C CYS B 235 14.43 41.37 6.55
N GLY B 236 15.30 41.39 5.54
CA GLY B 236 16.29 40.35 5.39
C GLY B 236 15.81 39.11 4.66
N ILE B 237 14.52 39.01 4.36
CA ILE B 237 14.03 37.83 3.66
C ILE B 237 14.11 38.03 2.14
N PRO B 238 14.75 37.08 1.44
CA PRO B 238 14.90 37.17 -0.02
C PRO B 238 13.53 37.10 -0.69
N GLU B 239 13.36 37.75 -1.84
CA GLU B 239 12.04 37.79 -2.48
C GLU B 239 11.75 36.50 -3.26
N ALA C 27 -34.41 -10.11 29.57
CA ALA C 27 -33.20 -9.60 28.92
C ALA C 27 -33.56 -8.71 27.74
N PRO C 28 -32.62 -7.85 27.32
CA PRO C 28 -32.70 -7.15 26.03
C PRO C 28 -32.71 -8.16 24.92
N ARG C 29 -33.21 -7.76 23.75
CA ARG C 29 -33.14 -8.62 22.58
C ARG C 29 -32.97 -7.77 21.34
N LEU C 30 -32.36 -8.34 20.32
CA LEU C 30 -32.27 -7.69 19.03
C LEU C 30 -33.67 -7.54 18.45
N VAL C 31 -33.92 -6.48 17.71
CA VAL C 31 -35.21 -6.32 17.06
C VAL C 31 -35.16 -7.00 15.70
N GLU C 32 -36.33 -7.39 15.20
CA GLU C 32 -36.47 -7.88 13.83
C GLU C 32 -36.11 -6.76 12.87
N GLU C 33 -35.45 -7.09 11.76
CA GLU C 33 -34.95 -6.04 10.87
C GLU C 33 -36.09 -5.20 10.33
N LYS C 34 -37.25 -5.81 10.17
CA LYS C 34 -38.42 -5.10 9.68
C LYS C 34 -38.91 -4.07 10.70
N ASP C 35 -38.54 -4.25 11.97
CA ASP C 35 -38.95 -3.33 13.03
C ASP C 35 -37.87 -2.34 13.41
N ALA C 36 -36.71 -2.45 12.76
CA ALA C 36 -35.60 -1.58 13.13
C ALA C 36 -35.83 -0.16 12.64
N LEU C 37 -35.16 0.79 13.28
CA LEU C 37 -35.23 2.20 12.83
C LEU C 37 -34.70 2.31 11.40
N LYS C 38 -35.30 3.20 10.61
CA LYS C 38 -34.93 3.33 9.20
C LYS C 38 -33.62 4.09 9.02
N GLY C 39 -33.27 4.94 9.98
CA GLY C 39 -32.04 5.72 9.90
C GLY C 39 -32.06 6.74 8.77
N GLY C 40 -30.93 6.90 8.11
CA GLY C 40 -30.82 7.85 7.01
C GLY C 40 -29.64 7.55 6.10
N PRO C 41 -29.60 8.22 4.94
CA PRO C 41 -28.58 7.87 3.94
C PRO C 41 -27.27 8.62 4.12
N HIS C 42 -27.31 9.72 4.88
CA HIS C 42 -26.17 10.60 5.07
C HIS C 42 -25.56 10.47 6.46
N PRO C 43 -24.21 10.59 6.56
CA PRO C 43 -23.49 10.46 7.84
C PRO C 43 -23.87 11.51 8.86
N VAL C 44 -23.94 11.14 10.14
CA VAL C 44 -24.24 12.14 11.15
C VAL C 44 -22.99 12.99 11.38
N LEU C 45 -21.82 12.46 11.06
CA LEU C 45 -20.57 13.22 11.17
C LEU C 45 -19.81 13.20 9.84
N PRO C 46 -20.22 14.05 8.89
CA PRO C 46 -19.57 14.03 7.57
C PRO C 46 -18.16 14.65 7.60
N ASN C 47 -17.92 15.46 8.62
CA ASN C 47 -16.69 16.23 8.72
C ASN C 47 -15.94 15.97 10.03
N PRO C 48 -15.47 14.74 10.23
CA PRO C 48 -14.77 14.43 11.48
C PRO C 48 -13.52 15.29 11.62
N GLN C 49 -13.22 15.73 12.83
CA GLN C 49 -12.05 16.56 13.09
C GLN C 49 -10.85 15.66 13.43
N PRO C 50 -9.61 16.15 13.23
CA PRO C 50 -8.42 15.39 13.61
C PRO C 50 -8.49 14.95 15.07
N HIS C 51 -7.99 13.75 15.32
CA HIS C 51 -8.07 13.15 16.64
C HIS C 51 -7.62 14.13 17.69
N ALA C 52 -8.43 14.30 18.72
CA ALA C 52 -8.17 15.31 19.73
C ALA C 52 -6.83 15.07 20.47
N VAL C 53 -6.38 13.81 20.50
CA VAL C 53 -5.14 13.49 21.20
C VAL C 53 -4.00 13.22 20.20
N LEU C 54 -4.27 12.39 19.19
CA LEU C 54 -3.26 11.95 18.23
C LEU C 54 -3.08 12.90 17.03
N GLY C 55 -4.09 13.73 16.76
CA GLY C 55 -3.99 14.72 15.69
C GLY C 55 -4.18 14.17 14.29
N THR C 56 -4.69 12.94 14.18
CA THR C 56 -4.77 12.21 12.92
C THR C 56 -6.19 12.04 12.34
N LEU C 57 -6.31 11.64 11.07
CA LEU C 57 -7.57 11.09 10.54
C LEU C 57 -7.30 9.72 9.99
N ARG C 58 -8.35 8.97 9.62
CA ARG C 58 -8.12 7.60 9.13
C ARG C 58 -7.50 7.58 7.73
N GLY C 59 -7.07 6.40 7.31
CA GLY C 59 -6.64 6.14 5.94
C GLY C 59 -5.17 6.13 5.60
N GLN C 60 -4.33 5.85 6.58
CA GLN C 60 -2.89 5.83 6.31
C GLN C 60 -2.58 4.49 5.70
N PRO C 61 -1.98 4.51 4.49
CA PRO C 61 -1.65 3.27 3.80
C PRO C 61 -0.77 2.39 4.68
N GLY C 62 -0.97 1.08 4.60
CA GLY C 62 -0.16 0.16 5.35
C GLY C 62 -0.67 -0.08 6.76
N THR C 63 -1.68 0.67 7.19
CA THR C 63 -2.28 0.40 8.50
C THR C 63 -3.35 -0.68 8.36
N GLU C 64 -3.76 -1.26 9.49
CA GLU C 64 -4.91 -2.15 9.52
C GLU C 64 -5.95 -1.51 10.43
N THR C 65 -7.19 -1.95 10.31
CA THR C 65 -8.28 -1.47 11.15
C THR C 65 -8.98 -2.67 11.76
N ILE C 66 -9.27 -2.58 13.06
CA ILE C 66 -10.10 -3.55 13.74
C ILE C 66 -11.18 -2.78 14.49
N TYR C 67 -12.37 -3.35 14.54
CA TYR C 67 -13.49 -2.69 15.23
C TYR C 67 -13.82 -3.45 16.50
N ILE C 68 -13.78 -2.76 17.63
CA ILE C 68 -13.86 -3.44 18.91
C ILE C 68 -15.05 -2.93 19.72
N GLY C 69 -15.86 -3.87 20.22
CA GLY C 69 -16.95 -3.53 21.11
C GLY C 69 -16.73 -4.20 22.45
N ILE C 70 -16.54 -3.38 23.48
CA ILE C 70 -16.35 -3.92 24.82
C ILE C 70 -17.16 -3.15 25.87
N GLY C 71 -18.27 -2.52 25.45
CA GLY C 71 -19.12 -1.78 26.37
C GLY C 71 -19.06 -0.30 26.07
N CYS C 72 -19.25 0.55 27.07
CA CYS C 72 -19.24 2.01 26.90
CA CYS C 72 -19.24 2.01 26.89
C CYS C 72 -18.07 2.45 26.03
N TYR C 73 -18.35 2.97 24.84
CA TYR C 73 -17.21 3.28 23.96
C TYR C 73 -16.32 4.46 24.40
N TRP C 74 -16.78 5.33 25.30
CA TRP C 74 -15.94 6.45 25.73
C TRP C 74 -14.65 5.93 26.39
N GLY C 75 -14.79 4.99 27.32
CA GLY C 75 -13.65 4.44 28.03
C GLY C 75 -12.85 3.54 27.11
N ALA C 76 -13.55 2.77 26.28
CA ALA C 76 -12.85 1.88 25.36
C ALA C 76 -12.00 2.69 24.36
N GLU C 77 -12.48 3.84 23.91
CA GLU C 77 -11.71 4.60 22.94
C GLU C 77 -10.38 5.08 23.55
N LYS C 78 -10.46 5.55 24.80
CA LYS C 78 -9.29 6.06 25.51
C LYS C 78 -8.26 4.96 25.67
N LEU C 79 -8.73 3.78 26.06
CA LEU C 79 -7.85 2.64 26.20
C LEU C 79 -7.04 2.40 24.92
N PHE C 80 -7.69 2.47 23.76
CA PHE C 80 -6.99 2.19 22.52
C PHE C 80 -6.17 3.35 21.97
N TRP C 81 -6.63 4.60 22.09
CA TRP C 81 -5.78 5.67 21.56
C TRP C 81 -4.54 5.84 22.41
N GLU C 82 -4.58 5.36 23.65
CA GLU C 82 -3.38 5.41 24.50
C GLU C 82 -2.44 4.20 24.29
N THR C 83 -2.82 3.30 23.39
CA THR C 83 -1.99 2.13 23.08
C THR C 83 -0.91 2.42 22.04
N PRO C 84 0.37 2.12 22.38
CA PRO C 84 1.44 2.34 21.40
C PRO C 84 1.17 1.56 20.11
N GLY C 85 1.31 2.22 18.98
CA GLY C 85 1.07 1.59 17.69
C GLY C 85 -0.30 1.87 17.10
N VAL C 86 -1.24 2.32 17.93
CA VAL C 86 -2.54 2.75 17.43
C VAL C 86 -2.40 4.19 16.95
N VAL C 87 -2.76 4.46 15.69
CA VAL C 87 -2.45 5.76 15.12
C VAL C 87 -3.69 6.64 14.94
N TYR C 88 -4.87 6.03 15.03
CA TYR C 88 -6.12 6.79 14.98
C TYR C 88 -7.23 5.96 15.62
N THR C 89 -8.17 6.62 16.28
CA THR C 89 -9.39 5.97 16.78
C THR C 89 -10.62 6.84 16.51
N SER C 90 -11.79 6.20 16.47
CA SER C 90 -13.05 6.94 16.52
C SER C 90 -14.05 6.06 17.24
N VAL C 91 -15.22 6.62 17.57
CA VAL C 91 -16.27 5.80 18.15
C VAL C 91 -17.50 5.89 17.26
N GLY C 92 -18.32 4.85 17.30
CA GLY C 92 -19.50 4.80 16.45
C GLY C 92 -20.23 3.49 16.64
N PHE C 93 -20.88 3.05 15.57
CA PHE C 93 -21.88 1.99 15.65
C PHE C 93 -21.70 0.97 14.55
N ALA C 94 -21.74 -0.31 14.89
CA ALA C 94 -21.68 -1.36 13.87
C ALA C 94 -22.28 -2.62 14.44
N GLY C 95 -22.66 -3.53 13.54
CA GLY C 95 -23.12 -4.85 13.93
C GLY C 95 -24.62 -5.00 13.81
N GLY C 96 -25.32 -3.88 13.67
CA GLY C 96 -26.78 -3.86 13.54
C GLY C 96 -27.21 -3.57 12.12
N ILE C 97 -28.37 -2.94 11.93
CA ILE C 97 -28.89 -2.79 10.56
C ILE C 97 -29.17 -1.32 10.19
N THR C 98 -29.55 -0.49 11.15
CA THR C 98 -29.94 0.90 10.84
C THR C 98 -28.78 1.70 10.22
N PRO C 99 -29.00 2.26 9.04
CA PRO C 99 -27.93 3.07 8.43
C PRO C 99 -27.80 4.46 9.06
N ASN C 100 -26.56 4.88 9.29
CA ASN C 100 -26.26 6.19 9.88
C ASN C 100 -27.15 6.60 11.05
N PRO C 101 -27.19 5.79 12.11
CA PRO C 101 -28.04 6.14 13.24
C PRO C 101 -27.46 7.31 14.06
N THR C 102 -28.33 8.12 14.67
CA THR C 102 -27.86 9.06 15.68
C THR C 102 -27.55 8.29 16.96
N TYR C 103 -26.81 8.91 17.86
CA TYR C 103 -26.55 8.30 19.16
C TYR C 103 -27.87 8.01 19.87
N ARG C 104 -28.78 8.97 19.82
CA ARG C 104 -30.05 8.76 20.50
C ARG C 104 -30.80 7.56 19.92
N GLU C 105 -30.76 7.40 18.60
CA GLU C 105 -31.39 6.25 17.97
C GLU C 105 -30.78 4.93 18.46
N THR C 106 -29.45 4.88 18.51
CA THR C 106 -28.79 3.66 18.95
C THR C 106 -29.16 3.29 20.40
N CYS C 107 -29.33 4.31 21.25
CA CYS C 107 -29.66 4.08 22.66
C CYS C 107 -31.06 3.49 22.87
N THR C 108 -31.93 3.56 21.86
CA THR C 108 -33.24 2.92 21.95
C THR C 108 -33.14 1.39 21.87
N GLY C 109 -32.02 0.89 21.38
CA GLY C 109 -31.86 -0.53 21.16
C GLY C 109 -32.48 -1.00 19.85
N ARG C 110 -33.09 -0.08 19.11
N ARG C 110 -33.09 -0.08 19.11
CA ARG C 110 -33.86 -0.45 17.92
CA ARG C 110 -33.86 -0.47 17.92
C ARG C 110 -33.05 -0.34 16.62
C ARG C 110 -33.04 -0.43 16.62
N THR C 111 -31.71 -0.26 16.74
CA THR C 111 -30.84 -0.30 15.56
C THR C 111 -30.07 -1.61 15.47
N ASN C 112 -30.03 -2.34 16.58
CA ASN C 112 -29.23 -3.57 16.74
C ASN C 112 -27.73 -3.38 16.69
N HIS C 113 -27.27 -2.15 16.54
CA HIS C 113 -25.83 -1.90 16.54
C HIS C 113 -25.24 -2.03 17.92
N THR C 114 -23.92 -2.25 17.96
N THR C 114 -23.93 -2.28 17.99
CA THR C 114 -23.18 -2.19 19.22
CA THR C 114 -23.26 -2.17 19.28
C THR C 114 -22.27 -0.96 19.23
C THR C 114 -22.27 -1.00 19.25
N GLU C 115 -21.92 -0.50 20.42
CA GLU C 115 -20.97 0.61 20.56
C GLU C 115 -19.56 0.12 20.23
N ILE C 116 -18.93 0.74 19.24
CA ILE C 116 -17.70 0.25 18.63
C ILE C 116 -16.62 1.32 18.65
N VAL C 117 -15.39 0.90 18.91
CA VAL C 117 -14.21 1.74 18.69
C VAL C 117 -13.56 1.30 17.38
N GLU C 118 -13.42 2.23 16.44
CA GLU C 118 -12.62 2.00 15.25
C GLU C 118 -11.16 2.14 15.68
N VAL C 119 -10.36 1.08 15.53
CA VAL C 119 -8.95 1.15 15.92
C VAL C 119 -8.05 1.01 14.71
N VAL C 120 -7.39 2.11 14.32
CA VAL C 120 -6.48 2.08 13.18
C VAL C 120 -5.07 1.97 13.69
N TYR C 121 -4.34 0.96 13.24
CA TYR C 121 -3.05 0.71 13.83
C TYR C 121 -2.00 0.32 12.81
N ASP C 122 -0.75 0.53 13.22
CA ASP C 122 0.43 0.15 12.45
C ASP C 122 0.83 -1.25 12.89
N PRO C 123 0.63 -2.22 12.00
CA PRO C 123 0.90 -3.61 12.39
C PRO C 123 2.40 -3.89 12.62
N THR C 124 3.29 -2.94 12.29
CA THR C 124 4.72 -3.13 12.60
C THR C 124 5.05 -2.65 14.01
N GLN C 125 4.07 -2.02 14.67
CA GLN C 125 4.24 -1.53 16.03
C GLN C 125 3.35 -2.27 17.03
N VAL C 126 2.14 -2.64 16.59
CA VAL C 126 1.26 -3.45 17.42
C VAL C 126 0.49 -4.37 16.47
N THR C 127 0.29 -5.62 16.88
CA THR C 127 -0.28 -6.60 15.97
C THR C 127 -1.77 -6.79 16.23
N PHE C 128 -2.45 -7.31 15.23
CA PHE C 128 -3.84 -7.73 15.36
C PHE C 128 -4.03 -8.59 16.60
N ASP C 129 -3.15 -9.59 16.78
CA ASP C 129 -3.24 -10.50 17.95
C ASP C 129 -3.20 -9.73 19.26
N GLU C 130 -2.27 -8.78 19.36
CA GLU C 130 -2.11 -8.00 20.59
C GLU C 130 -3.35 -7.17 20.90
N LEU C 131 -3.97 -6.64 19.85
CA LEU C 131 -5.15 -5.81 20.08
C LEU C 131 -6.36 -6.63 20.48
N VAL C 132 -6.50 -7.83 19.90
CA VAL C 132 -7.59 -8.75 20.34
C VAL C 132 -7.41 -9.14 21.80
N VAL C 133 -6.17 -9.46 22.16
CA VAL C 133 -5.87 -9.84 23.55
C VAL C 133 -6.17 -8.67 24.48
N LYS C 134 -5.79 -7.46 24.08
CA LYS C 134 -6.03 -6.29 24.91
C LYS C 134 -7.53 -6.03 25.11
N ALA C 135 -8.30 -6.18 24.04
CA ALA C 135 -9.76 -6.06 24.13
C ALA C 135 -10.36 -7.10 25.08
N MET C 136 -9.94 -8.35 24.91
N MET C 136 -9.93 -8.34 24.93
CA MET C 136 -10.47 -9.45 25.71
CA MET C 136 -10.53 -9.43 25.71
C MET C 136 -10.25 -9.24 27.20
C MET C 136 -10.23 -9.29 27.20
N GLU C 137 -9.05 -8.79 27.54
CA GLU C 137 -8.67 -8.64 28.93
C GLU C 137 -9.20 -7.35 29.55
N ALA C 138 -9.75 -6.45 28.74
CA ALA C 138 -10.24 -5.18 29.26
C ALA C 138 -11.73 -5.18 29.59
N HIS C 139 -12.41 -6.30 29.38
CA HIS C 139 -13.83 -6.38 29.71
C HIS C 139 -14.18 -7.83 30.00
N ASP C 140 -15.43 -8.03 30.40
CA ASP C 140 -15.95 -9.37 30.60
C ASP C 140 -16.71 -9.80 29.33
N PRO C 141 -16.15 -10.77 28.57
CA PRO C 141 -16.72 -11.13 27.27
C PRO C 141 -17.80 -12.22 27.38
N THR C 142 -18.42 -12.36 28.55
CA THR C 142 -19.39 -13.43 28.78
C THR C 142 -20.76 -12.88 29.19
N GLN C 143 -20.95 -11.56 29.12
CA GLN C 143 -22.16 -11.00 29.72
C GLN C 143 -23.30 -10.78 28.73
N GLY C 144 -23.10 -11.07 27.44
CA GLY C 144 -24.21 -10.97 26.52
C GLY C 144 -24.61 -9.53 26.24
N TYR C 145 -25.87 -9.19 26.46
CA TYR C 145 -26.38 -7.87 26.09
C TYR C 145 -26.24 -6.93 27.28
N ARG C 146 -25.00 -6.78 27.74
CA ARG C 146 -24.72 -6.06 28.97
C ARG C 146 -23.22 -5.96 29.12
N GLN C 147 -22.73 -4.88 29.71
CA GLN C 147 -21.35 -4.86 30.22
C GLN C 147 -21.36 -4.12 31.53
N GLY C 148 -21.09 -4.83 32.62
CA GLY C 148 -21.15 -4.23 33.93
C GLY C 148 -22.54 -3.73 34.19
N ASN C 149 -22.67 -2.45 34.52
CA ASN C 149 -23.99 -1.91 34.81
C ASN C 149 -24.70 -1.32 33.60
N ASP C 150 -24.08 -1.46 32.43
CA ASP C 150 -24.72 -1.04 31.18
C ASP C 150 -25.49 -2.17 30.52
N THR C 151 -26.81 -2.14 30.62
CA THR C 151 -27.63 -3.17 29.99
C THR C 151 -28.14 -2.70 28.63
N GLY C 152 -28.08 -3.57 27.63
CA GLY C 152 -28.60 -3.25 26.31
C GLY C 152 -27.80 -3.97 25.24
N THR C 153 -28.44 -4.28 24.10
CA THR C 153 -27.72 -4.94 23.03
C THR C 153 -26.60 -4.07 22.49
N GLN C 154 -26.70 -2.76 22.71
CA GLN C 154 -25.65 -1.86 22.18
C GLN C 154 -24.38 -1.92 23.05
N TYR C 155 -24.38 -2.74 24.11
CA TYR C 155 -23.17 -2.86 24.92
C TYR C 155 -22.51 -4.22 24.77
N ARG C 156 -22.97 -5.00 23.82
CA ARG C 156 -22.46 -6.38 23.69
C ARG C 156 -21.03 -6.39 23.16
N SER C 157 -20.35 -7.49 23.48
CA SER C 157 -18.95 -7.72 23.10
C SER C 157 -18.85 -8.05 21.61
N ALA C 158 -17.89 -7.44 20.91
CA ALA C 158 -17.75 -7.70 19.49
C ALA C 158 -16.37 -7.42 18.98
N ILE C 159 -16.02 -8.15 17.93
CA ILE C 159 -14.86 -7.85 17.08
C ILE C 159 -15.29 -7.93 15.63
N TYR C 160 -15.21 -6.82 14.89
CA TYR C 160 -15.48 -6.85 13.44
C TYR C 160 -14.21 -6.55 12.66
N THR C 161 -13.96 -7.33 11.62
CA THR C 161 -12.70 -7.17 10.90
C THR C 161 -12.89 -6.51 9.54
N ALA C 162 -11.81 -5.96 9.00
CA ALA C 162 -11.89 -5.19 7.77
C ALA C 162 -10.61 -5.33 6.98
N GLY C 163 -10.63 -4.85 5.74
CA GLY C 163 -9.45 -4.92 4.89
C GLY C 163 -9.41 -6.19 4.05
N PRO C 164 -8.37 -6.32 3.22
CA PRO C 164 -8.30 -7.43 2.27
C PRO C 164 -8.21 -8.80 2.92
N ASN C 165 -7.79 -8.89 4.19
CA ASN C 165 -7.69 -10.17 4.88
C ASN C 165 -8.75 -10.33 5.97
N ALA C 166 -9.86 -9.63 5.81
CA ALA C 166 -10.88 -9.58 6.87
C ALA C 166 -11.42 -10.96 7.28
N GLU C 167 -11.64 -11.86 6.31
CA GLU C 167 -12.15 -13.18 6.66
C GLU C 167 -11.14 -13.97 7.48
N GLN C 168 -9.89 -13.96 7.04
CA GLN C 168 -8.84 -14.66 7.77
C GLN C 168 -8.63 -14.03 9.15
N GLN C 169 -8.68 -12.69 9.24
CA GLN C 169 -8.56 -12.04 10.55
C GLN C 169 -9.74 -12.37 11.50
N ALA C 170 -10.94 -12.47 10.97
CA ALA C 170 -12.07 -12.86 11.81
C ALA C 170 -11.81 -14.27 12.37
N GLN C 171 -11.31 -15.15 11.52
CA GLN C 171 -11.04 -16.52 11.96
C GLN C 171 -9.95 -16.53 13.03
N ARG C 172 -8.94 -15.69 12.84
CA ARG C 172 -7.86 -15.55 13.82
C ARG C 172 -8.40 -15.03 15.16
N ALA C 173 -9.29 -14.06 15.11
CA ALA C 173 -9.89 -13.52 16.33
C ALA C 173 -10.67 -14.61 17.07
N ARG C 174 -11.42 -15.42 16.32
CA ARG C 174 -12.15 -16.53 16.93
C ARG C 174 -11.19 -17.49 17.64
N GLU C 175 -10.07 -17.78 16.99
CA GLU C 175 -9.06 -18.67 17.55
C GLU C 175 -8.55 -18.16 18.90
N ILE C 176 -8.17 -16.89 18.90
CA ILE C 176 -7.65 -16.25 20.10
C ILE C 176 -8.70 -16.21 21.19
N VAL C 177 -9.91 -15.80 20.84
CA VAL C 177 -10.96 -15.65 21.84
C VAL C 177 -11.36 -17.02 22.40
N GLU C 178 -11.48 -18.03 21.54
CA GLU C 178 -11.86 -19.35 22.05
C GLU C 178 -10.79 -19.96 22.96
N HIS C 179 -9.54 -19.60 22.73
CA HIS C 179 -8.48 -20.02 23.62
C HIS C 179 -8.51 -19.33 24.98
N TYR C 180 -9.33 -18.30 25.13
CA TYR C 180 -9.53 -17.72 26.46
C TYR C 180 -10.49 -18.50 27.34
N ALA C 181 -11.23 -19.42 26.74
CA ALA C 181 -12.26 -20.16 27.48
C ALA C 181 -11.72 -20.83 28.75
N PRO C 182 -10.56 -21.51 28.69
CA PRO C 182 -10.14 -22.16 29.94
C PRO C 182 -9.81 -21.15 31.05
N LYS C 183 -9.24 -20.00 30.73
CA LYS C 183 -8.96 -19.01 31.77
C LYS C 183 -10.24 -18.42 32.33
N LEU C 184 -11.23 -18.17 31.47
CA LEU C 184 -12.49 -17.62 31.94
C LEU C 184 -13.21 -18.62 32.80
N ALA C 185 -13.13 -19.88 32.40
CA ALA C 185 -13.77 -20.93 33.18
C ALA C 185 -13.19 -21.04 34.59
N ALA C 186 -11.86 -21.01 34.68
CA ALA C 186 -11.21 -21.19 35.96
C ALA C 186 -11.50 -20.03 36.88
N ALA C 187 -11.77 -18.87 36.30
CA ALA C 187 -12.16 -17.68 37.04
C ALA C 187 -13.64 -17.65 37.43
N GLY C 188 -14.38 -18.68 37.03
CA GLY C 188 -15.78 -18.83 37.44
C GLY C 188 -16.77 -18.20 36.47
N LEU C 189 -16.32 -17.83 35.28
CA LEU C 189 -17.20 -17.18 34.32
C LEU C 189 -17.80 -18.18 33.36
N GLY C 190 -18.85 -17.77 32.66
CA GLY C 190 -19.52 -18.67 31.75
C GLY C 190 -19.02 -18.57 30.32
N ARG C 191 -19.88 -18.91 29.37
CA ARG C 191 -19.44 -19.04 27.99
C ARG C 191 -19.20 -17.66 27.39
N ILE C 192 -18.29 -17.60 26.43
CA ILE C 192 -18.03 -16.35 25.70
C ILE C 192 -19.19 -15.95 24.80
N THR C 193 -19.57 -14.67 24.83
CA THR C 193 -20.69 -14.18 24.05
C THR C 193 -20.24 -13.23 22.93
N THR C 194 -18.94 -12.95 22.86
CA THR C 194 -18.37 -12.08 21.83
C THR C 194 -18.81 -12.47 20.41
N GLU C 195 -19.31 -11.47 19.67
CA GLU C 195 -19.71 -11.64 18.28
C GLU C 195 -18.51 -11.32 17.36
N ILE C 196 -18.09 -12.26 16.52
CA ILE C 196 -16.88 -12.06 15.69
C ILE C 196 -17.16 -12.34 14.21
N LEU C 197 -17.00 -11.32 13.37
CA LEU C 197 -17.20 -11.49 11.93
C LEU C 197 -16.65 -10.31 11.15
N PRO C 198 -16.46 -10.49 9.85
CA PRO C 198 -16.05 -9.32 9.06
C PRO C 198 -17.11 -8.23 9.15
N LEU C 199 -16.68 -6.97 9.26
CA LEU C 199 -17.61 -5.85 9.25
C LEU C 199 -18.57 -5.92 8.05
N ALA C 200 -18.04 -6.31 6.89
CA ALA C 200 -18.86 -6.38 5.69
C ALA C 200 -19.95 -7.43 5.79
N SER C 201 -19.79 -8.38 6.72
CA SER C 201 -20.77 -9.45 6.89
C SER C 201 -21.86 -9.17 7.92
N THR C 202 -21.76 -8.04 8.62
CA THR C 202 -22.82 -7.59 9.50
C THR C 202 -24.01 -7.12 8.67
N PRO C 203 -25.21 -7.03 9.29
CA PRO C 203 -26.38 -6.68 8.46
C PRO C 203 -26.24 -5.36 7.70
N ALA C 204 -25.78 -4.28 8.33
CA ALA C 204 -25.61 -3.03 7.61
C ALA C 204 -24.35 -3.06 6.74
N GLY C 205 -23.39 -3.90 7.15
CA GLY C 205 -22.16 -4.09 6.40
C GLY C 205 -21.19 -2.92 6.54
N GLU C 206 -21.46 -2.01 7.47
CA GLU C 206 -20.66 -0.78 7.56
C GLU C 206 -20.54 -0.29 9.01
N TYR C 207 -19.54 0.56 9.24
CA TYR C 207 -19.38 1.25 10.53
C TYR C 207 -19.79 2.70 10.34
N TYR C 208 -20.49 3.24 11.33
CA TYR C 208 -21.01 4.61 11.26
C TYR C 208 -20.44 5.42 12.41
N MET C 209 -19.78 6.53 12.12
CA MET C 209 -19.22 7.35 13.21
C MET C 209 -20.30 8.00 14.06
N ALA C 210 -20.07 8.05 15.38
CA ALA C 210 -20.95 8.81 16.25
C ALA C 210 -20.74 10.31 16.03
N GLU C 211 -21.65 11.12 16.58
CA GLU C 211 -21.54 12.59 16.53
C GLU C 211 -20.19 13.08 17.07
N ASP C 212 -19.76 14.24 16.61
CA ASP C 212 -18.48 14.85 16.98
C ASP C 212 -18.23 14.90 18.49
N GLU C 213 -19.27 15.17 19.25
N GLU C 213 -19.26 15.15 19.28
CA GLU C 213 -19.18 15.30 20.71
CA GLU C 213 -19.08 15.31 20.73
C GLU C 213 -18.63 14.02 21.36
C GLU C 213 -18.64 14.01 21.39
N HIS C 214 -18.94 12.87 20.76
CA HIS C 214 -18.49 11.58 21.30
C HIS C 214 -17.04 11.24 21.01
N GLN C 215 -16.47 11.82 19.96
CA GLN C 215 -15.10 11.50 19.56
C GLN C 215 -14.12 12.03 20.60
N GLN C 216 -13.33 11.15 21.19
CA GLN C 216 -12.41 11.51 22.30
C GLN C 216 -13.12 12.25 23.42
N TYR C 217 -14.34 11.80 23.71
CA TYR C 217 -15.18 12.44 24.72
C TYR C 217 -14.43 12.68 26.05
N LEU C 218 -13.75 11.66 26.57
CA LEU C 218 -13.13 11.78 27.88
C LEU C 218 -11.93 12.74 27.89
N HIS C 219 -11.28 12.93 26.74
CA HIS C 219 -10.22 13.92 26.65
C HIS C 219 -10.82 15.32 26.61
N LYS C 220 -11.85 15.51 25.79
CA LYS C 220 -12.47 16.83 25.63
C LYS C 220 -13.15 17.30 26.90
N ASN C 221 -13.72 16.37 27.64
N ASN C 221 -13.68 16.34 27.66
CA ASN C 221 -14.41 16.69 28.88
CA ASN C 221 -14.43 16.62 28.87
C ASN C 221 -13.86 15.86 30.02
C ASN C 221 -13.89 15.84 30.04
N PRO C 222 -12.85 16.38 30.71
CA PRO C 222 -12.23 15.65 31.83
C PRO C 222 -13.20 15.43 33.02
N LEU C 223 -14.32 16.12 33.04
CA LEU C 223 -15.35 15.92 34.06
C LEU C 223 -16.34 14.79 33.73
N GLY C 224 -16.25 14.26 32.50
CA GLY C 224 -17.16 13.23 32.04
C GLY C 224 -16.66 11.83 32.41
N TYR C 225 -17.57 10.86 32.44
CA TYR C 225 -17.20 9.50 32.77
C TYR C 225 -18.28 8.56 32.31
N CYS C 226 -17.89 7.31 32.09
CA CYS C 226 -18.87 6.31 31.72
CA CYS C 226 -18.84 6.28 31.73
C CYS C 226 -19.86 6.14 32.86
N PRO C 227 -21.15 6.22 32.53
CA PRO C 227 -22.23 6.12 33.52
C PRO C 227 -22.13 4.88 34.38
N HIS C 228 -22.65 5.00 35.60
CA HIS C 228 -22.67 3.96 36.62
C HIS C 228 -21.30 3.80 37.23
N HIS C 229 -20.41 4.76 37.00
CA HIS C 229 -19.09 4.69 37.62
C HIS C 229 -18.84 5.80 38.61
N SER C 230 -19.89 6.49 39.03
CA SER C 230 -19.73 7.49 40.07
C SER C 230 -19.30 6.80 41.36
N THR C 231 -18.65 7.56 42.23
CA THR C 231 -18.13 7.03 43.47
C THR C 231 -18.86 7.68 44.63
N GLY C 232 -18.55 7.21 45.84
CA GLY C 232 -19.17 7.72 47.04
C GLY C 232 -18.22 8.62 47.79
N VAL C 233 -17.13 9.02 47.13
CA VAL C 233 -16.14 9.88 47.78
C VAL C 233 -15.85 11.10 46.92
N ALA C 234 -15.14 12.07 47.49
CA ALA C 234 -14.77 13.27 46.77
C ALA C 234 -16.02 13.94 46.19
N CYS C 235 -16.03 14.17 44.89
CA CYS C 235 -17.19 14.76 44.25
C CYS C 235 -17.92 13.74 43.41
N GLY C 236 -17.63 12.46 43.62
CA GLY C 236 -18.34 11.41 42.90
C GLY C 236 -17.83 11.06 41.53
N ILE C 237 -16.88 11.85 41.01
CA ILE C 237 -16.28 11.57 39.71
C ILE C 237 -15.08 10.63 39.87
N PRO C 238 -15.10 9.49 39.15
CA PRO C 238 -14.02 8.51 39.28
C PRO C 238 -12.67 9.04 38.79
N GLU C 239 -11.57 8.61 39.41
CA GLU C 239 -10.24 9.10 39.05
C GLU C 239 -9.65 8.34 37.86
AS CAC D . 3.13 -23.25 -22.02
O1 CAC D . 4.41 -22.10 -22.35
O2 CAC D . 3.28 -23.81 -20.38
C1 CAC D . 3.28 -24.76 -23.25
C2 CAC D . 1.39 -22.37 -22.26
S SO4 E . 5.09 -34.53 -21.03
O1 SO4 E . 4.80 -34.84 -19.64
O2 SO4 E . 4.27 -35.40 -21.89
O3 SO4 E . 6.49 -34.79 -21.31
O4 SO4 E . 4.77 -33.13 -21.29
C1 PGE F . 6.73 -28.61 2.23
O1 PGE F . 7.01 -27.69 3.27
C2 PGE F . 7.86 -28.54 1.24
O2 PGE F . 8.48 -29.81 1.15
C3 PGE F . 9.87 -29.68 1.01
C4 PGE F . 10.31 -28.96 2.26
O4 PGE F . 14.23 -28.14 2.95
C6 PGE F . 13.60 -27.45 1.89
C5 PGE F . 12.11 -27.48 2.13
O3 PGE F . 11.71 -28.82 2.37
C1 PGE G . -18.16 -10.03 -20.36
O1 PGE G . -19.53 -9.80 -20.64
C2 PGE G . -17.44 -9.09 -21.27
O2 PGE G . -16.35 -8.39 -20.69
C1 PGE H . 7.14 -0.90 -32.21
O1 PGE H . 6.36 -0.67 -31.04
C2 PGE H . 8.47 -1.52 -31.82
O2 PGE H . 8.63 -2.74 -32.51
C1 PGE I . 5.26 -17.34 -35.01
O1 PGE I . 4.86 -16.31 -35.92
C2 PGE I . 6.76 -17.25 -34.83
O2 PGE I . 7.07 -16.07 -34.13
C3 PGE I . 8.28 -15.45 -34.50
C4 PGE I . 9.35 -15.82 -33.49
O3 PGE I . 10.62 -15.79 -34.09
C1 PGE J . 0.57 -20.66 -1.51
O1 PGE J . 0.60 -21.80 -2.35
C2 PGE J . -0.76 -20.61 -0.79
O2 PGE J . -0.86 -21.73 0.07
C1 PGE K . -11.92 -2.79 -16.93
O1 PGE K . -12.53 -4.08 -16.89
C2 PGE K . -10.67 -2.80 -16.08
O2 PGE K . -9.83 -1.71 -16.41
C1 PGE L . 3.65 3.65 -9.78
O1 PGE L . 2.84 2.52 -10.02
C2 PGE L . 4.74 3.74 -10.84
O2 PGE L . 5.65 2.67 -10.67
C1 PGE M . 9.61 -25.14 -19.79
O1 PGE M . 8.73 -26.21 -19.49
C2 PGE M . 11.05 -25.53 -19.60
O2 PGE M . 11.29 -26.03 -18.28
AS CAC N . 18.14 22.62 4.51
O1 CAC N . 18.99 21.27 5.22
O2 CAC N . 19.17 23.38 3.32
C1 CAC N . 16.50 21.99 3.65
C2 CAC N . 17.69 23.92 5.91
S SO4 O . 20.49 33.40 7.00
O1 SO4 O . 21.46 33.46 8.09
O2 SO4 O . 20.11 32.01 6.80
O3 SO4 O . 21.02 34.00 5.77
O4 SO4 O . 19.30 34.18 7.33
C1 PGE P . 16.35 -6.06 -15.58
O1 PGE P . 15.87 -5.24 -14.52
C2 PGE P . 15.44 -5.91 -16.77
O2 PGE P . 15.14 -4.54 -16.97
C1 PGE Q . 2.11 12.55 9.06
O1 PGE Q . 2.14 11.14 8.81
C2 PGE Q . 1.28 13.26 8.01
O2 PGE Q . 0.94 14.57 8.44
C1 PGE R . 8.46 6.34 1.22
O1 PGE R . 7.40 7.21 1.57
C2 PGE R . 9.81 6.87 1.71
O2 PGE R . 9.79 7.09 3.12
C1 PGE S . 36.41 20.19 -8.17
O1 PGE S . 35.91 18.88 -8.14
C2 PGE S . 37.93 20.12 -8.16
O2 PGE S . 38.36 19.38 -9.30
C1 PGE T . 40.87 22.40 -19.54
O1 PGE T . 41.58 22.19 -18.34
C2 PGE T . 40.24 23.76 -19.44
O2 PGE T . 39.79 24.14 -20.72
C1 PGE U . 35.08 31.70 -11.21
O1 PGE U . 35.55 30.58 -10.49
C2 PGE U . 35.64 31.60 -12.62
O2 PGE U . 34.72 30.88 -13.42
C1 PGE V . 17.33 43.25 7.87
O1 PGE V . 17.88 42.04 8.37
C2 PGE V . 18.29 43.86 6.86
O2 PGE V . 19.55 44.02 7.48
C1 PGE W . 24.84 23.86 6.39
O1 PGE W . 24.19 25.05 5.95
C2 PGE W . 26.06 24.21 7.21
O2 PGE W . 26.95 24.96 6.40
AS CAC X . -22.40 5.44 26.71
O1 CAC X . -23.75 4.98 25.72
O2 CAC X . -21.96 4.10 27.75
C1 CAC X . -22.88 6.99 27.81
C2 CAC X . -20.87 5.90 25.56
S SO4 Y . -22.29 -21.52 31.00
O1 SO4 Y . -22.72 -20.91 32.25
O2 SO4 Y . -23.14 -22.64 30.61
O3 SO4 Y . -20.93 -22.04 31.15
O4 SO4 Y . -22.34 -20.45 29.97
S SO4 Z . -12.28 -3.25 3.05
O1 SO4 Z . -12.71 -3.41 4.44
O2 SO4 Z . -12.06 -4.57 2.48
O3 SO4 Z . -11.05 -2.46 3.02
O4 SO4 Z . -13.32 -2.58 2.29
C1 PGE AA . -3.63 7.63 10.62
O1 PGE AA . -4.47 7.00 9.64
C2 PGE AA . -2.45 8.38 10.01
O2 PGE AA . -2.58 9.79 10.06
C1 PGE BA . -12.80 14.84 17.59
O1 PGE BA . -12.13 14.05 16.63
C2 PGE BA . -12.49 16.31 17.44
O2 PGE BA . -13.69 17.01 17.70
C1 PGE CA . -15.93 4.92 7.54
O1 PGE CA . -16.40 3.69 8.07
C2 PGE CA . -17.09 5.88 7.41
O2 PGE CA . -17.81 5.86 8.63
#